data_3H5W
#
_entry.id   3H5W
#
_cell.length_a   85.866
_cell.length_b   96.358
_cell.length_c   108.480
_cell.angle_alpha   90.00
_cell.angle_beta   90.00
_cell.angle_gamma   90.00
#
_symmetry.space_group_name_H-M   'P 21 21 21'
#
_entity_poly.entity_id   1
_entity_poly.type   'polypeptide(L)'
_entity_poly.pdbx_seq_one_letter_code
;IEERGVSSNSIQIGGLFPRGADQEYSAFRVGMVQFSTSEFRLTPHIDNLEVANSFAVTNAFCSQFSRGVYAIFGFYDKKS
VNTITSFCGTLHVSFITPSFPTDGTHPFVIQMRPDLKGALLSLIEYYQWDKFAYLYDSDRGLSTLQAVLDSAAEKKWQVT
AINVGNINNDKKDETYRSLFQDLELKKERRVILDCERDKVNDIVDQVITIGKHVKGYHYIIANLGFTDGDLLKIQFGGAN
VSGFQIVDYDDSLVSKFIERWSTLEEKEYPGAHTATIKYTSALTYDAVQVMTEAFRNLRKQRIEISRRGNAGDCLANPAV
PWGQGVEIERALKQVQVEGLSGNIKFDQNGKRINYTINIMELKTNGPRKIGYWSEVDKMVVTLTELPSLELVPR
;
_entity_poly.pdbx_strand_id   A,B
#
# COMPACT_ATOMS: atom_id res chain seq x y z
N ASN A 9 31.57 -26.19 6.10
CA ASN A 9 30.85 -27.31 5.51
C ASN A 9 29.47 -26.91 4.97
N SER A 10 28.70 -26.19 5.79
CA SER A 10 27.31 -25.89 5.43
C SER A 10 26.88 -24.46 5.75
N ILE A 11 25.97 -23.94 4.91
CA ILE A 11 25.42 -22.58 5.06
C ILE A 11 23.92 -22.61 5.44
N GLN A 12 23.56 -21.80 6.42
CA GLN A 12 22.16 -21.71 6.86
C GLN A 12 21.42 -20.61 6.09
N ILE A 13 20.29 -20.98 5.48
CA ILE A 13 19.43 -20.00 4.82
C ILE A 13 17.98 -20.24 5.21
N GLY A 14 17.18 -19.18 5.21
CA GLY A 14 15.78 -19.35 5.53
C GLY A 14 14.96 -19.56 4.28
N GLY A 15 13.79 -20.18 4.44
CA GLY A 15 12.80 -20.22 3.39
C GLY A 15 11.44 -19.84 3.94
N LEU A 16 10.95 -18.64 3.60
CA LEU A 16 9.59 -18.24 3.97
C LEU A 16 8.62 -18.52 2.83
N PHE A 17 7.87 -19.61 2.96
CA PHE A 17 6.93 -20.06 1.93
C PHE A 17 5.49 -19.85 2.34
N PRO A 18 4.68 -19.31 1.43
CA PRO A 18 3.25 -19.07 1.61
C PRO A 18 2.51 -20.38 1.72
N ARG A 19 1.47 -20.44 2.55
CA ARG A 19 0.56 -21.58 2.60
C ARG A 19 0.25 -22.08 1.19
N GLY A 20 0.50 -23.37 0.97
CA GLY A 20 0.19 -24.04 -0.28
C GLY A 20 0.97 -23.66 -1.53
N ALA A 21 2.16 -23.07 -1.38
CA ALA A 21 3.04 -22.84 -2.54
C ALA A 21 3.82 -24.10 -2.88
N ASP A 22 3.08 -25.18 -3.12
CA ASP A 22 3.61 -26.48 -3.47
C ASP A 22 4.62 -26.42 -4.59
N GLN A 23 4.21 -25.98 -5.77
CA GLN A 23 5.09 -26.09 -6.91
C GLN A 23 6.39 -25.34 -6.62
N GLU A 24 6.28 -24.14 -6.04
CA GLU A 24 7.45 -23.32 -5.75
C GLU A 24 8.41 -24.02 -4.82
N TYR A 25 7.86 -24.66 -3.79
CA TYR A 25 8.70 -25.39 -2.88
C TYR A 25 9.38 -26.60 -3.56
N SER A 26 8.66 -27.21 -4.50
CA SER A 26 9.23 -28.35 -5.25
C SER A 26 10.38 -27.87 -6.11
N ALA A 27 10.19 -26.73 -6.75
CA ALA A 27 11.20 -26.17 -7.62
C ALA A 27 12.43 -25.74 -6.79
N PHE A 28 12.19 -25.32 -5.55
CA PHE A 28 13.22 -24.95 -4.59
C PHE A 28 14.13 -26.12 -4.27
N ARG A 29 13.53 -27.23 -3.89
CA ARG A 29 14.29 -28.43 -3.58
C ARG A 29 15.00 -28.97 -4.82
N VAL A 30 14.28 -28.95 -5.94
CA VAL A 30 14.85 -29.40 -7.21
C VAL A 30 16.09 -28.58 -7.53
N GLY A 31 16.07 -27.31 -7.12
CA GLY A 31 17.25 -26.45 -7.23
C GLY A 31 18.35 -26.80 -6.23
N MET A 32 17.97 -27.07 -4.99
CA MET A 32 18.93 -27.45 -3.95
C MET A 32 19.79 -28.60 -4.43
N VAL A 33 19.16 -29.54 -5.13
CA VAL A 33 19.83 -30.71 -5.68
C VAL A 33 20.67 -30.35 -6.90
N GLN A 34 20.12 -29.53 -7.76
CA GLN A 34 20.72 -29.27 -9.06
C GLN A 34 22.01 -28.47 -8.97
N PHE A 35 22.05 -27.50 -8.08
CA PHE A 35 23.25 -26.67 -7.94
C PHE A 35 24.05 -27.02 -6.71
N SER A 36 23.73 -28.14 -6.09
CA SER A 36 24.49 -28.60 -4.94
C SER A 36 25.92 -28.86 -5.37
N THR A 37 26.86 -28.61 -4.47
CA THR A 37 28.25 -28.89 -4.76
C THR A 37 28.90 -29.65 -3.60
N SER A 38 30.01 -30.30 -3.88
CA SER A 38 30.79 -30.93 -2.83
C SER A 38 31.33 -29.85 -1.91
N GLU A 39 31.45 -28.64 -2.46
CA GLU A 39 32.04 -27.50 -1.77
C GLU A 39 31.31 -27.15 -0.46
N PHE A 40 29.98 -27.06 -0.53
CA PHE A 40 29.18 -26.73 0.65
C PHE A 40 27.73 -27.10 0.45
N ARG A 41 27.05 -27.31 1.56
CA ARG A 41 25.62 -27.62 1.55
C ARG A 41 24.84 -26.40 2.03
N LEU A 42 23.81 -26.02 1.27
CA LEU A 42 22.86 -25.03 1.74
C LEU A 42 21.90 -25.72 2.68
N THR A 43 21.81 -25.21 3.90
CA THR A 43 20.92 -25.78 4.91
C THR A 43 19.78 -24.83 5.20
N PRO A 44 18.62 -25.06 4.56
CA PRO A 44 17.45 -24.20 4.64
C PRO A 44 16.59 -24.53 5.84
N HIS A 45 16.00 -23.53 6.46
CA HIS A 45 14.91 -23.79 7.39
C HIS A 45 13.64 -23.09 6.90
N ILE A 46 12.67 -23.92 6.53
CA ILE A 46 11.45 -23.50 5.88
C ILE A 46 10.35 -23.16 6.87
N ASP A 47 9.70 -22.00 6.69
CA ASP A 47 8.45 -21.73 7.38
C ASP A 47 7.33 -21.54 6.36
N ASN A 48 6.18 -22.14 6.66
CA ASN A 48 4.97 -21.98 5.87
C ASN A 48 4.03 -21.09 6.65
N LEU A 49 3.58 -20.02 6.02
CA LEU A 49 2.86 -18.99 6.76
C LEU A 49 1.89 -18.24 5.86
N GLU A 50 1.04 -17.43 6.47
CA GLU A 50 0.19 -16.50 5.76
C GLU A 50 0.97 -15.20 5.53
N VAL A 51 1.37 -15.00 4.29
CA VAL A 51 2.25 -13.93 3.89
C VAL A 51 1.58 -12.57 3.98
N ALA A 52 0.28 -12.54 3.77
CA ALA A 52 -0.51 -11.34 3.95
C ALA A 52 -0.52 -10.91 5.42
N ASN A 53 -0.10 -11.80 6.29
CA ASN A 53 -0.17 -11.59 7.73
C ASN A 53 1.14 -11.02 8.28
N SER A 54 1.17 -9.71 8.52
CA SER A 54 2.40 -9.02 8.93
C SER A 54 3.03 -9.55 10.23
N PHE A 55 2.24 -9.69 11.27
CA PHE A 55 2.67 -10.35 12.47
C PHE A 55 3.36 -11.70 12.21
N ALA A 56 2.69 -12.56 11.46
CA ALA A 56 3.21 -13.91 11.22
C ALA A 56 4.47 -13.85 10.37
N VAL A 57 4.54 -12.86 9.50
CA VAL A 57 5.75 -12.68 8.73
C VAL A 57 6.89 -12.19 9.62
N THR A 58 6.57 -11.29 10.56
CA THR A 58 7.53 -10.79 11.52
C THR A 58 8.07 -11.95 12.35
N ASN A 59 7.16 -12.75 12.87
CA ASN A 59 7.54 -13.92 13.66
C ASN A 59 8.42 -14.89 12.87
N ALA A 60 8.02 -15.22 11.65
CA ALA A 60 8.79 -16.14 10.81
C ALA A 60 10.19 -15.60 10.64
N PHE A 61 10.27 -14.37 10.18
CA PHE A 61 11.54 -13.72 9.94
C PHE A 61 12.40 -13.73 11.22
N CYS A 62 11.86 -13.19 12.31
CA CYS A 62 12.59 -13.14 13.57
C CYS A 62 13.06 -14.52 13.99
N SER A 63 12.24 -15.52 13.71
CA SER A 63 12.60 -16.87 14.08
C SER A 63 13.85 -17.28 13.33
N GLN A 64 13.98 -16.81 12.10
CA GLN A 64 15.07 -17.22 11.23
C GLN A 64 16.33 -16.54 11.69
N PHE A 65 16.17 -15.27 12.03
CA PHE A 65 17.28 -14.43 12.41
C PHE A 65 17.86 -14.90 13.74
N SER A 66 16.97 -15.27 14.66
CA SER A 66 17.38 -15.83 15.94
C SER A 66 18.13 -17.15 15.77
N ARG A 67 18.03 -17.75 14.60
CA ARG A 67 18.66 -19.04 14.33
C ARG A 67 19.93 -18.87 13.50
N GLY A 68 20.29 -17.63 13.25
CA GLY A 68 21.53 -17.30 12.55
C GLY A 68 21.59 -17.51 11.04
N VAL A 69 20.45 -17.46 10.34
CA VAL A 69 20.49 -17.57 8.88
C VAL A 69 21.09 -16.32 8.28
N TYR A 70 21.84 -16.54 7.21
CA TYR A 70 22.58 -15.50 6.52
C TYR A 70 21.70 -14.79 5.49
N ALA A 71 20.79 -15.58 4.92
CA ALA A 71 19.95 -15.16 3.83
C ALA A 71 18.58 -15.79 3.95
N ILE A 72 17.54 -15.02 3.66
CA ILE A 72 16.19 -15.57 3.61
C ILE A 72 15.63 -15.52 2.21
N PHE A 73 15.23 -16.68 1.71
CA PHE A 73 14.45 -16.78 0.50
C PHE A 73 12.97 -16.91 0.86
N GLY A 74 12.15 -16.00 0.36
CA GLY A 74 10.73 -16.09 0.63
C GLY A 74 9.88 -15.16 -0.21
N PHE A 75 8.64 -14.98 0.24
CA PHE A 75 7.60 -14.28 -0.49
C PHE A 75 6.97 -13.22 0.39
N TYR A 76 6.45 -12.16 -0.21
CA TYR A 76 5.61 -11.23 0.50
C TYR A 76 4.44 -10.83 -0.37
N ASP A 77 3.51 -10.07 0.19
CA ASP A 77 2.57 -9.38 -0.65
C ASP A 77 2.43 -7.95 -0.17
N LYS A 78 1.50 -7.23 -0.77
CA LYS A 78 1.32 -5.81 -0.52
C LYS A 78 1.23 -5.50 0.95
N LYS A 79 0.64 -6.41 1.72
CA LYS A 79 0.35 -6.16 3.14
C LYS A 79 1.56 -6.39 4.02
N SER A 80 2.49 -7.23 3.57
CA SER A 80 3.66 -7.54 4.37
C SER A 80 5.02 -7.04 3.83
N VAL A 81 5.06 -6.43 2.64
CA VAL A 81 6.32 -6.02 2.03
C VAL A 81 7.14 -5.04 2.93
N ASN A 82 6.48 -4.03 3.48
CA ASN A 82 7.15 -3.09 4.39
C ASN A 82 7.77 -3.74 5.60
N THR A 83 7.25 -4.89 6.00
CA THR A 83 7.79 -5.57 7.15
C THR A 83 9.12 -6.16 6.70
N ILE A 84 9.09 -6.98 5.65
CA ILE A 84 10.27 -7.50 5.00
C ILE A 84 11.40 -6.46 4.76
N THR A 85 11.06 -5.31 4.20
CA THR A 85 12.07 -4.36 3.80
C THR A 85 12.69 -3.64 4.99
N SER A 86 11.85 -3.21 5.91
CA SER A 86 12.27 -2.52 7.12
C SER A 86 13.16 -3.41 8.01
N PHE A 87 12.72 -4.64 8.24
CA PHE A 87 13.52 -5.57 9.03
C PHE A 87 14.80 -5.98 8.30
N CYS A 88 14.68 -6.34 7.02
CA CYS A 88 15.87 -6.66 6.22
C CYS A 88 16.86 -5.52 6.21
N GLY A 89 16.37 -4.31 6.05
CA GLY A 89 17.23 -3.16 5.91
C GLY A 89 17.87 -2.76 7.23
N THR A 90 17.20 -3.11 8.31
CA THR A 90 17.65 -2.82 9.67
C THR A 90 18.72 -3.83 10.12
N LEU A 91 18.42 -5.11 10.00
CA LEU A 91 19.32 -6.15 10.48
C LEU A 91 20.38 -6.53 9.46
N HIS A 92 20.28 -5.98 8.25
CA HIS A 92 21.24 -6.25 7.21
C HIS A 92 21.12 -7.69 6.74
N VAL A 93 19.89 -8.21 6.80
CA VAL A 93 19.62 -9.56 6.31
C VAL A 93 19.02 -9.52 4.91
N SER A 94 19.42 -10.44 4.05
CA SER A 94 19.02 -10.39 2.64
C SER A 94 17.81 -11.26 2.34
N PHE A 95 16.87 -10.69 1.63
CA PHE A 95 15.69 -11.42 1.22
C PHE A 95 15.74 -11.64 -0.29
N ILE A 96 15.82 -12.90 -0.70
CA ILE A 96 15.73 -13.18 -2.13
C ILE A 96 14.33 -13.68 -2.41
N THR A 97 13.68 -13.07 -3.39
CA THR A 97 12.25 -13.25 -3.53
C THR A 97 11.70 -13.23 -4.96
N PRO A 98 10.79 -14.16 -5.25
CA PRO A 98 10.05 -14.17 -6.52
C PRO A 98 8.86 -13.23 -6.50
N SER A 99 8.61 -12.53 -5.38
CA SER A 99 7.41 -11.67 -5.34
C SER A 99 7.56 -10.39 -6.15
N PHE A 100 6.46 -9.66 -6.30
CA PHE A 100 6.45 -8.44 -7.09
C PHE A 100 7.55 -7.44 -6.70
N PRO A 101 8.18 -6.79 -7.69
CA PRO A 101 9.30 -5.88 -7.38
C PRO A 101 8.75 -4.58 -6.81
N THR A 102 9.39 -4.12 -5.74
CA THR A 102 9.02 -2.92 -5.01
C THR A 102 9.32 -1.69 -5.86
N ASP A 103 8.46 -0.69 -5.78
CA ASP A 103 8.80 0.63 -6.32
C ASP A 103 9.78 1.22 -5.32
N GLY A 104 10.62 2.12 -5.78
CA GLY A 104 11.56 2.75 -4.87
C GLY A 104 12.60 1.76 -4.36
N THR A 105 13.76 2.30 -3.98
CA THR A 105 14.96 1.53 -3.66
C THR A 105 14.85 0.86 -2.29
N HIS A 106 15.42 -0.34 -2.15
CA HIS A 106 15.38 -1.04 -0.87
C HIS A 106 16.56 -1.99 -0.66
N PRO A 107 17.43 -1.64 0.29
CA PRO A 107 18.61 -2.43 0.67
C PRO A 107 18.23 -3.79 1.17
N PHE A 108 19.03 -4.77 0.76
CA PHE A 108 18.93 -6.12 1.28
C PHE A 108 17.76 -6.92 0.75
N VAL A 109 17.08 -6.39 -0.26
CA VAL A 109 16.07 -7.14 -0.98
C VAL A 109 16.57 -7.41 -2.39
N ILE A 110 16.57 -8.68 -2.79
CA ILE A 110 17.01 -9.07 -4.11
C ILE A 110 15.80 -9.56 -4.89
N GLN A 111 15.43 -8.82 -5.93
CA GLN A 111 14.21 -9.10 -6.69
C GLN A 111 14.42 -9.99 -7.89
N MET A 112 14.16 -11.29 -7.73
CA MET A 112 14.17 -12.22 -8.86
C MET A 112 13.20 -11.85 -10.00
N ARG A 113 12.16 -11.09 -9.69
CA ARG A 113 11.14 -10.81 -10.70
C ARG A 113 11.36 -9.52 -11.50
N PRO A 114 11.48 -9.65 -12.84
CA PRO A 114 11.66 -8.45 -13.66
C PRO A 114 10.43 -7.59 -13.60
N ASP A 115 10.64 -6.28 -13.65
CA ASP A 115 9.51 -5.37 -13.72
C ASP A 115 8.82 -5.62 -15.05
N LEU A 116 7.57 -5.16 -15.17
CA LEU A 116 6.76 -5.45 -16.36
C LEU A 116 6.00 -4.24 -16.84
N LYS A 117 5.99 -3.19 -16.02
CA LYS A 117 5.35 -1.93 -16.41
C LYS A 117 5.78 -1.39 -17.78
N GLY A 118 7.04 -1.62 -18.16
CA GLY A 118 7.60 -1.09 -19.37
C GLY A 118 7.17 -1.85 -20.60
N ALA A 119 7.48 -3.14 -20.64
CA ALA A 119 6.94 -4.03 -21.68
C ALA A 119 5.46 -3.74 -21.89
N LEU A 120 4.73 -3.53 -20.79
CA LEU A 120 3.29 -3.33 -20.87
C LEU A 120 2.90 -2.04 -21.56
N LEU A 121 3.46 -0.91 -21.11
CA LEU A 121 3.20 0.38 -21.76
C LEU A 121 3.58 0.34 -23.26
N SER A 122 4.59 -0.47 -23.60
CA SER A 122 4.98 -0.62 -25.00
C SER A 122 3.96 -1.42 -25.78
N LEU A 123 3.44 -2.48 -25.15
CA LEU A 123 2.45 -3.34 -25.78
C LEU A 123 1.24 -2.51 -26.14
N ILE A 124 0.94 -1.55 -25.28
CA ILE A 124 -0.20 -0.68 -25.49
C ILE A 124 0.06 0.19 -26.72
N GLU A 125 1.21 0.85 -26.74
CA GLU A 125 1.57 1.69 -27.87
C GLU A 125 1.62 0.92 -29.19
N TYR A 126 2.18 -0.28 -29.12
CA TYR A 126 2.24 -1.19 -30.25
C TYR A 126 0.88 -1.44 -30.89
N TYR A 127 -0.07 -1.93 -30.10
CA TYR A 127 -1.43 -2.08 -30.61
C TYR A 127 -2.12 -0.73 -30.86
N GLN A 128 -1.39 0.35 -30.61
CA GLN A 128 -1.90 1.70 -30.83
C GLN A 128 -3.27 1.88 -30.21
N TRP A 129 -3.40 1.39 -28.98
CA TRP A 129 -4.58 1.65 -28.18
C TRP A 129 -4.51 3.09 -27.72
N ASP A 130 -5.67 3.74 -27.63
CA ASP A 130 -5.74 5.07 -27.02
C ASP A 130 -6.95 5.16 -26.08
N LYS A 131 -7.90 4.27 -26.28
CA LYS A 131 -9.05 4.22 -25.39
C LYS A 131 -9.31 2.79 -24.95
N PHE A 132 -9.20 2.57 -23.65
CA PHE A 132 -9.32 1.23 -23.09
C PHE A 132 -9.52 1.31 -21.59
N ALA A 133 -9.82 0.17 -21.00
CA ALA A 133 -9.93 0.10 -19.56
C ALA A 133 -8.70 -0.62 -19.03
N TYR A 134 -8.32 -0.30 -17.80
CA TYR A 134 -7.27 -1.02 -17.08
C TYR A 134 -7.93 -1.44 -15.79
N LEU A 135 -8.32 -2.72 -15.74
CA LEU A 135 -9.02 -3.30 -14.61
C LEU A 135 -8.00 -3.94 -13.68
N TYR A 136 -7.83 -3.35 -12.50
CA TYR A 136 -6.67 -3.69 -11.68
C TYR A 136 -6.99 -4.26 -10.32
N ASP A 137 -6.04 -5.03 -9.80
CA ASP A 137 -5.92 -5.40 -8.38
C ASP A 137 -4.78 -4.58 -7.79
N SER A 138 -4.76 -4.49 -6.46
CA SER A 138 -3.69 -3.80 -5.76
C SER A 138 -2.68 -4.80 -5.21
N ASP A 139 -2.93 -6.08 -5.48
CA ASP A 139 -2.29 -7.14 -4.73
C ASP A 139 -0.81 -7.35 -5.04
N ARG A 140 -0.41 -6.99 -6.26
CA ARG A 140 1.01 -6.98 -6.62
C ARG A 140 1.48 -5.52 -6.73
N GLY A 141 1.00 -4.71 -5.79
CA GLY A 141 1.24 -3.29 -5.81
C GLY A 141 0.37 -2.58 -6.85
N LEU A 142 0.52 -1.26 -6.91
CA LEU A 142 -0.23 -0.43 -7.84
C LEU A 142 0.70 0.59 -8.47
N SER A 143 1.95 0.21 -8.62
CA SER A 143 2.92 1.08 -9.25
C SER A 143 2.65 1.11 -10.74
N THR A 144 2.10 0.00 -11.24
CA THR A 144 1.73 -0.12 -12.63
C THR A 144 0.69 0.93 -12.94
N LEU A 145 -0.37 0.95 -12.15
CA LEU A 145 -1.37 2.00 -12.26
C LEU A 145 -0.74 3.38 -12.45
N GLN A 146 0.12 3.80 -11.54
CA GLN A 146 0.78 5.11 -11.64
C GLN A 146 1.42 5.32 -13.01
N ALA A 147 1.90 4.23 -13.59
CA ALA A 147 2.57 4.24 -14.89
C ALA A 147 1.59 4.44 -16.05
N VAL A 148 0.47 3.70 -16.05
CA VAL A 148 -0.54 3.90 -17.06
C VAL A 148 -1.16 5.27 -16.87
N LEU A 149 -1.28 5.70 -15.63
CA LEU A 149 -1.84 7.01 -15.33
C LEU A 149 -0.96 8.12 -15.89
N ASP A 150 0.34 8.03 -15.61
CA ASP A 150 1.29 9.00 -16.12
C ASP A 150 1.34 9.06 -17.65
N SER A 151 1.33 7.91 -18.30
CA SER A 151 1.41 7.89 -19.75
C SER A 151 0.12 8.33 -20.40
N ALA A 152 -1.01 8.01 -19.78
CA ALA A 152 -2.28 8.44 -20.33
C ALA A 152 -2.31 9.96 -20.43
N ALA A 153 -1.88 10.63 -19.36
CA ALA A 153 -1.84 12.10 -19.36
C ALA A 153 -0.78 12.60 -20.33
N GLU A 154 0.36 11.92 -20.35
CA GLU A 154 1.45 12.29 -21.23
C GLU A 154 1.12 11.97 -22.69
N LYS A 155 0.84 10.70 -22.98
CA LYS A 155 0.65 10.26 -24.35
C LYS A 155 -0.79 10.38 -24.82
N LYS A 156 -1.53 11.26 -24.16
CA LYS A 156 -2.95 11.49 -24.45
C LYS A 156 -3.77 10.20 -24.61
N TRP A 157 -4.07 9.54 -23.49
CA TRP A 157 -4.96 8.39 -23.51
C TRP A 157 -6.17 8.63 -22.63
N GLN A 158 -7.32 8.13 -23.06
CA GLN A 158 -8.49 8.08 -22.20
C GLN A 158 -8.52 6.69 -21.61
N VAL A 159 -8.51 6.60 -20.28
CA VAL A 159 -8.50 5.29 -19.63
C VAL A 159 -9.51 5.15 -18.53
N THR A 160 -10.13 3.98 -18.49
CA THR A 160 -11.12 3.69 -17.49
C THR A 160 -10.46 2.74 -16.49
N ALA A 161 -9.82 3.33 -15.47
CA ALA A 161 -9.02 2.59 -14.50
C ALA A 161 -9.76 2.26 -13.21
N ILE A 162 -10.30 1.06 -13.17
CA ILE A 162 -11.10 0.64 -12.05
C ILE A 162 -10.40 -0.42 -11.25
N ASN A 163 -10.31 -0.21 -9.94
CA ASN A 163 -9.91 -1.25 -9.01
C ASN A 163 -11.06 -2.21 -8.75
N VAL A 164 -11.07 -3.29 -9.50
CA VAL A 164 -12.10 -4.33 -9.42
C VAL A 164 -11.76 -5.28 -8.28
N GLY A 165 -10.71 -4.93 -7.54
CA GLY A 165 -10.26 -5.70 -6.39
C GLY A 165 -11.22 -5.59 -5.24
N ASN A 166 -12.29 -4.82 -5.46
CA ASN A 166 -13.41 -4.72 -4.54
C ASN A 166 -14.56 -5.61 -5.00
N ILE A 167 -14.63 -6.83 -4.46
CA ILE A 167 -15.70 -7.75 -4.83
C ILE A 167 -16.41 -8.31 -3.59
N ASN A 168 -17.68 -8.67 -3.77
CA ASN A 168 -18.47 -9.25 -2.69
C ASN A 168 -19.50 -10.22 -3.22
N ASN A 169 -20.77 -9.80 -3.22
CA ASN A 169 -21.84 -10.63 -3.74
C ASN A 169 -22.73 -9.83 -4.69
N ASP A 170 -23.48 -8.88 -4.14
CA ASP A 170 -24.35 -8.02 -4.93
C ASP A 170 -25.07 -7.00 -4.04
N ASP A 173 -23.72 -11.52 -8.41
CA ASP A 173 -23.02 -11.10 -9.62
C ASP A 173 -23.76 -9.96 -10.34
N GLU A 174 -24.60 -9.25 -9.60
CA GLU A 174 -25.31 -8.09 -10.15
C GLU A 174 -24.33 -6.97 -10.44
N THR A 175 -23.37 -6.82 -9.54
CA THR A 175 -22.36 -5.77 -9.66
C THR A 175 -21.31 -6.10 -10.73
N TYR A 176 -21.16 -7.39 -11.01
CA TYR A 176 -20.20 -7.85 -12.01
C TYR A 176 -20.68 -7.55 -13.43
N ARG A 177 -21.99 -7.63 -13.63
CA ARG A 177 -22.60 -7.31 -14.93
C ARG A 177 -22.70 -5.79 -15.05
N SER A 178 -22.82 -5.15 -13.89
CA SER A 178 -22.75 -3.69 -13.82
C SER A 178 -21.43 -3.26 -14.46
N LEU A 179 -20.36 -3.98 -14.12
CA LEU A 179 -19.04 -3.72 -14.68
C LEU A 179 -19.07 -3.52 -16.20
N PHE A 180 -19.23 -4.61 -16.92
CA PHE A 180 -19.24 -4.57 -18.37
C PHE A 180 -20.37 -3.68 -18.90
N GLN A 181 -21.48 -3.64 -18.17
CA GLN A 181 -22.58 -2.75 -18.53
C GLN A 181 -22.06 -1.34 -18.75
N ASP A 182 -21.40 -0.80 -17.73
CA ASP A 182 -20.77 0.53 -17.82
C ASP A 182 -19.60 0.57 -18.81
N LEU A 183 -18.91 -0.57 -18.95
CA LEU A 183 -17.74 -0.65 -19.83
C LEU A 183 -18.09 -0.35 -21.28
N GLU A 184 -19.35 -0.58 -21.64
CA GLU A 184 -19.79 -0.36 -23.01
C GLU A 184 -20.29 1.07 -23.19
N LEU A 185 -20.12 1.89 -22.16
CA LEU A 185 -20.53 3.28 -22.24
C LEU A 185 -19.84 4.01 -23.39
N LYS A 186 -18.63 3.57 -23.71
CA LYS A 186 -17.87 4.18 -24.80
C LYS A 186 -17.57 3.18 -25.92
N LYS A 187 -18.14 1.98 -25.77
CA LYS A 187 -17.86 0.89 -26.70
C LYS A 187 -16.35 0.65 -26.72
N GLU A 188 -15.80 0.31 -25.56
CA GLU A 188 -14.36 0.14 -25.42
C GLU A 188 -13.87 -1.10 -26.17
N ARG A 189 -14.22 -2.26 -25.64
CA ARG A 189 -13.77 -3.55 -26.17
C ARG A 189 -12.27 -3.86 -25.88
N ARG A 190 -11.48 -2.85 -25.53
CA ARG A 190 -10.07 -3.06 -25.21
C ARG A 190 -9.76 -3.04 -23.70
N VAL A 191 -9.54 -4.23 -23.16
CA VAL A 191 -9.34 -4.38 -21.73
C VAL A 191 -7.96 -4.87 -21.35
N ILE A 192 -7.33 -4.16 -20.41
CA ILE A 192 -6.11 -4.66 -19.77
C ILE A 192 -6.48 -5.19 -18.41
N LEU A 193 -6.08 -6.42 -18.14
CA LEU A 193 -6.39 -7.09 -16.88
C LEU A 193 -5.15 -7.24 -16.00
N ASP A 194 -5.07 -6.42 -14.96
CA ASP A 194 -3.92 -6.46 -14.03
C ASP A 194 -4.39 -6.91 -12.68
N CYS A 195 -4.58 -8.22 -12.54
CA CYS A 195 -5.26 -8.72 -11.37
C CYS A 195 -5.15 -10.23 -11.21
N GLU A 196 -5.57 -10.72 -10.04
CA GLU A 196 -5.47 -12.14 -9.75
C GLU A 196 -6.19 -12.97 -10.81
N ARG A 197 -5.84 -14.25 -10.90
CA ARG A 197 -6.39 -15.12 -11.91
C ARG A 197 -7.89 -15.31 -11.76
N ASP A 198 -8.38 -15.22 -10.54
CA ASP A 198 -9.79 -15.44 -10.27
C ASP A 198 -10.61 -14.33 -10.91
N LYS A 199 -10.29 -13.09 -10.58
CA LYS A 199 -11.04 -11.97 -11.14
C LYS A 199 -10.81 -11.84 -12.66
N VAL A 200 -9.76 -12.49 -13.18
CA VAL A 200 -9.63 -12.60 -14.64
C VAL A 200 -10.68 -13.53 -15.23
N ASN A 201 -10.77 -14.73 -14.69
CA ASN A 201 -11.78 -15.67 -15.17
C ASN A 201 -13.17 -15.08 -14.98
N ASP A 202 -13.45 -14.59 -13.77
CA ASP A 202 -14.75 -14.01 -13.46
C ASP A 202 -15.10 -12.91 -14.42
N ILE A 203 -14.18 -11.98 -14.62
CA ILE A 203 -14.42 -10.84 -15.47
C ILE A 203 -14.76 -11.27 -16.89
N VAL A 204 -13.88 -12.07 -17.49
CA VAL A 204 -14.07 -12.44 -18.89
C VAL A 204 -15.31 -13.30 -18.99
N ASP A 205 -15.49 -14.18 -18.02
CA ASP A 205 -16.67 -15.03 -18.02
C ASP A 205 -17.95 -14.19 -18.10
N GLN A 206 -17.92 -12.99 -17.53
CA GLN A 206 -19.06 -12.11 -17.61
C GLN A 206 -19.27 -11.63 -19.04
N VAL A 207 -18.18 -11.29 -19.73
CA VAL A 207 -18.30 -10.86 -21.12
C VAL A 207 -18.97 -11.94 -21.94
N ILE A 208 -18.49 -13.17 -21.79
CA ILE A 208 -19.04 -14.30 -22.52
C ILE A 208 -20.51 -14.48 -22.18
N THR A 209 -20.77 -14.98 -20.96
CA THR A 209 -22.16 -15.22 -20.58
C THR A 209 -22.99 -13.97 -20.86
N ILE A 210 -22.81 -12.93 -20.06
CA ILE A 210 -23.64 -11.74 -20.16
C ILE A 210 -23.30 -10.77 -21.29
N GLY A 211 -23.70 -11.11 -22.50
CA GLY A 211 -23.66 -10.15 -23.59
C GLY A 211 -22.94 -10.53 -24.87
N LYS A 212 -22.49 -9.49 -25.58
CA LYS A 212 -21.85 -9.62 -26.89
C LYS A 212 -21.06 -8.33 -27.17
N HIS A 213 -20.26 -8.31 -28.23
CA HIS A 213 -19.96 -9.52 -28.99
C HIS A 213 -18.66 -10.09 -28.46
N VAL A 214 -18.70 -11.34 -28.04
CA VAL A 214 -17.56 -12.02 -27.44
C VAL A 214 -16.25 -11.85 -28.22
N LYS A 215 -16.26 -12.19 -29.51
CA LYS A 215 -15.06 -12.12 -30.36
C LYS A 215 -14.53 -10.71 -30.50
N GLY A 216 -15.32 -9.73 -30.07
CA GLY A 216 -14.98 -8.33 -30.26
C GLY A 216 -13.88 -7.77 -29.38
N TYR A 217 -13.65 -8.40 -28.22
CA TYR A 217 -12.68 -7.87 -27.26
C TYR A 217 -11.26 -8.34 -27.53
N HIS A 218 -10.31 -7.53 -27.07
CA HIS A 218 -8.90 -7.91 -27.02
C HIS A 218 -8.46 -7.75 -25.56
N TYR A 219 -8.01 -8.85 -24.95
CA TYR A 219 -7.55 -8.82 -23.56
C TYR A 219 -6.04 -8.81 -23.47
N ILE A 220 -5.47 -7.84 -22.76
CA ILE A 220 -4.05 -7.94 -22.41
C ILE A 220 -3.91 -8.38 -20.96
N ILE A 221 -3.37 -9.59 -20.76
CA ILE A 221 -3.21 -10.14 -19.43
C ILE A 221 -1.86 -9.72 -18.84
N ALA A 222 -1.92 -8.74 -17.95
CA ALA A 222 -0.76 -8.13 -17.28
C ALA A 222 0.02 -9.01 -16.27
N ASN A 223 0.56 -10.13 -16.71
CA ASN A 223 1.57 -10.82 -15.92
C ASN A 223 2.52 -11.65 -16.78
N LEU A 224 3.39 -12.41 -16.11
CA LEU A 224 4.53 -13.04 -16.79
C LEU A 224 4.40 -14.55 -16.91
N GLY A 225 3.15 -15.01 -16.89
CA GLY A 225 2.86 -16.43 -16.98
C GLY A 225 1.66 -16.71 -17.87
N PHE A 226 1.67 -16.08 -19.04
CA PHE A 226 0.70 -16.33 -20.10
C PHE A 226 0.54 -17.82 -20.33
N THR A 227 1.68 -18.50 -20.46
CA THR A 227 1.62 -19.90 -20.81
C THR A 227 1.86 -20.80 -19.62
N ASP A 228 1.85 -20.24 -18.43
CA ASP A 228 1.70 -21.08 -17.26
C ASP A 228 0.30 -21.68 -17.48
N GLY A 229 0.15 -22.97 -17.21
CA GLY A 229 -1.04 -23.69 -17.65
C GLY A 229 -2.45 -23.11 -17.43
N ASP A 230 -2.65 -22.35 -16.38
CA ASP A 230 -4.00 -21.98 -15.97
C ASP A 230 -4.73 -20.99 -16.88
N LEU A 231 -4.09 -19.87 -17.19
CA LEU A 231 -4.75 -18.85 -17.98
C LEU A 231 -5.39 -19.41 -19.26
N LEU A 232 -4.59 -19.99 -20.14
CA LEU A 232 -5.12 -20.48 -21.41
C LEU A 232 -6.15 -21.61 -21.26
N LYS A 233 -6.48 -21.94 -20.02
CA LYS A 233 -7.59 -22.85 -19.77
C LYS A 233 -8.95 -22.14 -19.85
N ILE A 234 -8.99 -20.85 -19.53
CA ILE A 234 -10.26 -20.13 -19.64
C ILE A 234 -10.78 -19.96 -21.08
N GLN A 235 -12.08 -19.76 -21.21
CA GLN A 235 -12.75 -19.58 -22.48
C GLN A 235 -12.87 -18.10 -22.78
N PHE A 236 -12.13 -17.62 -23.77
CA PHE A 236 -12.19 -16.20 -24.12
C PHE A 236 -13.19 -15.91 -25.22
N GLY A 237 -13.69 -16.98 -25.83
CA GLY A 237 -14.47 -16.86 -27.04
C GLY A 237 -13.49 -16.67 -28.17
N GLY A 238 -13.85 -15.83 -29.13
CA GLY A 238 -12.96 -15.57 -30.24
C GLY A 238 -12.16 -14.32 -30.01
N ALA A 239 -12.11 -13.91 -28.75
CA ALA A 239 -11.40 -12.71 -28.37
C ALA A 239 -9.91 -12.80 -28.67
N ASN A 240 -9.36 -11.69 -29.12
CA ASN A 240 -7.93 -11.50 -29.17
C ASN A 240 -7.40 -11.56 -27.73
N VAL A 241 -6.33 -12.30 -27.51
CA VAL A 241 -5.77 -12.36 -26.17
C VAL A 241 -4.25 -12.26 -26.17
N SER A 242 -3.73 -11.19 -25.55
CA SER A 242 -2.28 -10.94 -25.50
C SER A 242 -1.70 -11.05 -24.09
N GLY A 243 -0.43 -11.45 -23.99
CA GLY A 243 0.22 -11.53 -22.69
C GLY A 243 1.74 -11.60 -22.74
N PHE A 244 2.33 -12.00 -21.61
CA PHE A 244 3.78 -11.98 -21.44
C PHE A 244 4.31 -13.29 -20.89
N GLN A 245 5.57 -13.54 -21.17
CA GLN A 245 6.20 -14.81 -20.83
C GLN A 245 7.68 -14.51 -20.58
N ILE A 246 8.21 -15.08 -19.52
CA ILE A 246 9.56 -14.75 -19.10
C ILE A 246 10.40 -16.00 -19.13
N VAL A 247 9.74 -17.15 -19.15
CA VAL A 247 10.43 -18.41 -19.30
C VAL A 247 10.18 -18.92 -20.70
N ASP A 248 11.26 -19.18 -21.43
CA ASP A 248 11.18 -19.51 -22.83
C ASP A 248 11.34 -21.01 -22.97
N TYR A 249 10.24 -21.70 -23.22
CA TYR A 249 10.26 -23.15 -23.27
C TYR A 249 10.99 -23.64 -24.51
N ASP A 250 11.44 -22.71 -25.35
CA ASP A 250 12.20 -23.06 -26.54
C ASP A 250 13.70 -22.93 -26.30
N ASP A 251 14.04 -22.41 -25.12
CA ASP A 251 15.43 -22.31 -24.65
C ASP A 251 15.92 -23.71 -24.25
N SER A 252 17.16 -24.02 -24.60
CA SER A 252 17.79 -25.28 -24.28
C SER A 252 17.87 -25.51 -22.77
N LEU A 253 18.20 -24.45 -22.04
CA LEU A 253 18.33 -24.54 -20.60
C LEU A 253 17.00 -24.92 -19.96
N VAL A 254 15.92 -24.39 -20.52
CA VAL A 254 14.59 -24.69 -19.99
C VAL A 254 14.17 -26.09 -20.39
N SER A 255 14.43 -26.44 -21.65
CA SER A 255 14.05 -27.74 -22.21
C SER A 255 14.63 -28.91 -21.41
N LYS A 256 15.90 -28.82 -21.04
CA LYS A 256 16.52 -29.90 -20.29
C LYS A 256 15.90 -29.95 -18.91
N PHE A 257 15.42 -28.80 -18.44
CA PHE A 257 14.88 -28.75 -17.09
C PHE A 257 13.53 -29.44 -17.04
N ILE A 258 12.65 -29.10 -17.99
CA ILE A 258 11.34 -29.73 -18.01
C ILE A 258 11.46 -31.21 -18.31
N GLU A 259 12.61 -31.62 -18.86
CA GLU A 259 12.82 -33.04 -19.15
C GLU A 259 12.75 -33.83 -17.87
N ARG A 260 13.54 -33.40 -16.89
CA ARG A 260 13.60 -34.05 -15.58
C ARG A 260 12.38 -33.68 -14.75
N TRP A 261 11.97 -32.42 -14.83
CA TRP A 261 10.82 -31.93 -14.08
C TRP A 261 9.54 -32.67 -14.46
N SER A 262 9.29 -32.78 -15.76
CA SER A 262 8.09 -33.42 -16.26
C SER A 262 8.02 -34.88 -15.85
N THR A 263 9.13 -35.42 -15.39
CA THR A 263 9.18 -36.83 -15.02
C THR A 263 9.47 -37.05 -13.54
N LEU A 264 9.37 -36.00 -12.74
CA LEU A 264 9.51 -36.16 -11.29
C LEU A 264 8.23 -36.81 -10.74
N GLU A 265 8.34 -37.50 -9.62
CA GLU A 265 7.17 -38.10 -8.98
C GLU A 265 6.32 -37.03 -8.27
N GLU A 266 5.04 -36.95 -8.63
CA GLU A 266 4.10 -35.98 -8.04
C GLU A 266 3.96 -36.14 -6.55
N LYS A 267 4.04 -37.39 -6.07
CA LYS A 267 4.01 -37.68 -4.64
C LYS A 267 5.21 -37.04 -3.99
N GLU A 268 6.37 -37.23 -4.58
CA GLU A 268 7.61 -36.76 -3.99
C GLU A 268 7.84 -35.26 -4.23
N TYR A 269 7.20 -34.70 -5.24
CA TYR A 269 7.41 -33.31 -5.59
C TYR A 269 6.13 -32.64 -6.08
N PRO A 270 5.28 -32.24 -5.13
CA PRO A 270 3.97 -31.62 -5.39
C PRO A 270 4.06 -30.42 -6.33
N GLY A 271 3.33 -30.52 -7.44
CA GLY A 271 3.27 -29.44 -8.42
C GLY A 271 4.09 -29.75 -9.66
N ALA A 272 5.01 -30.70 -9.52
CA ALA A 272 5.88 -31.08 -10.62
C ALA A 272 5.20 -32.14 -11.48
N HIS A 273 6.00 -32.86 -12.28
CA HIS A 273 5.47 -33.83 -13.23
C HIS A 273 4.54 -33.19 -14.25
N THR A 274 4.96 -32.06 -14.79
CA THR A 274 4.12 -31.25 -15.65
C THR A 274 4.97 -30.70 -16.81
N ALA A 275 4.31 -30.13 -17.81
CA ALA A 275 5.00 -29.64 -18.99
C ALA A 275 5.41 -28.18 -18.83
N THR A 276 4.64 -27.43 -18.05
CA THR A 276 5.03 -26.07 -17.74
C THR A 276 5.32 -25.93 -16.26
N ILE A 277 5.55 -24.68 -15.88
CA ILE A 277 6.02 -24.34 -14.56
C ILE A 277 5.67 -22.87 -14.42
N LYS A 278 5.05 -22.52 -13.31
CA LYS A 278 4.64 -21.14 -13.12
C LYS A 278 5.90 -20.28 -13.01
N TYR A 279 5.82 -19.02 -13.42
CA TYR A 279 7.04 -18.24 -13.43
C TYR A 279 7.60 -18.07 -12.02
N THR A 280 6.72 -18.08 -11.02
CA THR A 280 7.16 -17.93 -9.63
C THR A 280 8.01 -19.13 -9.18
N SER A 281 7.66 -20.32 -9.68
CA SER A 281 8.47 -21.52 -9.40
C SER A 281 9.81 -21.50 -10.15
N ALA A 282 9.75 -21.07 -11.41
CA ALA A 282 10.96 -20.82 -12.18
C ALA A 282 11.86 -19.76 -11.51
N LEU A 283 11.26 -18.71 -10.94
CA LEU A 283 12.07 -17.71 -10.24
C LEU A 283 12.64 -18.27 -8.95
N THR A 284 11.99 -19.30 -8.41
CA THR A 284 12.45 -19.91 -7.17
C THR A 284 13.70 -20.74 -7.41
N TYR A 285 13.60 -21.67 -8.35
CA TYR A 285 14.75 -22.40 -8.87
C TYR A 285 15.94 -21.49 -9.15
N ASP A 286 15.70 -20.44 -9.91
CA ASP A 286 16.77 -19.52 -10.27
C ASP A 286 17.38 -18.87 -9.04
N ALA A 287 16.55 -18.51 -8.06
CA ALA A 287 17.01 -17.93 -6.79
C ALA A 287 18.02 -18.81 -6.06
N VAL A 288 17.84 -20.12 -6.15
CA VAL A 288 18.77 -21.04 -5.51
C VAL A 288 20.11 -21.06 -6.23
N GLN A 289 20.09 -20.99 -7.55
CA GLN A 289 21.33 -20.84 -8.28
C GLN A 289 22.01 -19.54 -7.86
N VAL A 290 21.21 -18.49 -7.72
CA VAL A 290 21.74 -17.18 -7.36
C VAL A 290 22.35 -17.13 -5.96
N MET A 291 21.67 -17.67 -4.97
CA MET A 291 22.27 -17.70 -3.64
C MET A 291 23.55 -18.53 -3.73
N THR A 292 23.44 -19.70 -4.35
CA THR A 292 24.58 -20.57 -4.55
C THR A 292 25.83 -19.87 -5.11
N GLU A 293 25.67 -19.17 -6.23
CA GLU A 293 26.79 -18.42 -6.78
C GLU A 293 27.30 -17.39 -5.80
N ALA A 294 26.42 -16.55 -5.27
CA ALA A 294 26.83 -15.53 -4.33
C ALA A 294 27.73 -16.15 -3.28
N PHE A 295 27.31 -17.30 -2.77
CA PHE A 295 27.98 -17.85 -1.62
C PHE A 295 29.34 -18.43 -1.99
N ARG A 296 29.51 -18.83 -3.24
CA ARG A 296 30.80 -19.34 -3.68
C ARG A 296 31.75 -18.20 -4.02
N ASN A 297 31.19 -17.02 -4.22
CA ASN A 297 32.01 -15.85 -4.50
C ASN A 297 32.58 -15.36 -3.20
N LEU A 298 31.74 -15.37 -2.18
CA LEU A 298 32.18 -15.08 -0.85
C LEU A 298 33.33 -16.03 -0.49
N ARG A 299 33.02 -17.31 -0.37
CA ARG A 299 34.02 -18.33 -0.02
C ARG A 299 35.33 -18.20 -0.82
N LYS A 300 35.20 -17.91 -2.10
CA LYS A 300 36.36 -17.73 -2.96
C LYS A 300 37.24 -16.62 -2.39
N GLN A 301 36.60 -15.63 -1.80
CA GLN A 301 37.30 -14.52 -1.19
C GLN A 301 37.56 -14.79 0.30
N ARG A 302 37.30 -16.04 0.70
CA ARG A 302 37.46 -16.49 2.08
C ARG A 302 36.87 -15.49 3.05
N ILE A 303 35.66 -15.06 2.74
CA ILE A 303 34.93 -14.15 3.61
C ILE A 303 34.05 -14.99 4.51
N GLU A 304 34.38 -14.96 5.80
CA GLU A 304 33.73 -15.82 6.77
C GLU A 304 32.26 -15.45 6.92
N ILE A 305 31.39 -16.43 6.71
CA ILE A 305 29.96 -16.24 6.96
C ILE A 305 29.71 -15.90 8.43
N SER A 306 30.24 -16.72 9.32
CA SER A 306 30.05 -16.57 10.76
C SER A 306 28.61 -16.89 11.18
N GLY A 309 29.49 -13.54 16.86
CA GLY A 309 28.38 -14.46 16.74
C GLY A 309 27.46 -14.50 17.95
N ASN A 310 26.22 -14.05 17.76
CA ASN A 310 25.19 -14.09 18.81
C ASN A 310 23.79 -14.03 18.22
N ALA A 311 23.51 -12.96 17.47
CA ALA A 311 22.23 -12.78 16.78
C ALA A 311 21.04 -13.29 17.58
N GLY A 312 20.65 -12.53 18.61
CA GLY A 312 19.54 -12.91 19.45
C GLY A 312 18.25 -12.23 19.03
N ASP A 313 17.75 -11.35 19.90
CA ASP A 313 16.49 -10.66 19.66
C ASP A 313 16.55 -9.84 18.38
N CYS A 314 15.59 -10.03 17.48
CA CYS A 314 15.52 -9.14 16.34
C CYS A 314 14.91 -7.83 16.78
N LEU A 315 14.14 -7.88 17.86
CA LEU A 315 13.61 -6.65 18.41
C LEU A 315 14.61 -6.07 19.41
N ALA A 316 15.81 -6.61 19.43
CA ALA A 316 16.90 -6.02 20.21
C ALA A 316 17.03 -4.56 19.81
N ASN A 317 17.18 -3.72 20.83
CA ASN A 317 17.21 -2.27 20.62
C ASN A 317 18.10 -1.60 21.66
N PRO A 318 19.16 -0.94 21.20
CA PRO A 318 19.53 -0.75 19.79
C PRO A 318 19.81 -2.07 19.08
N ALA A 319 19.55 -2.12 17.78
CA ALA A 319 19.80 -3.33 17.01
C ALA A 319 21.21 -3.35 16.41
N VAL A 320 21.81 -4.54 16.37
CA VAL A 320 23.11 -4.73 15.72
C VAL A 320 23.03 -5.61 14.46
N PRO A 321 23.35 -5.00 13.31
CA PRO A 321 23.46 -5.65 11.99
C PRO A 321 24.72 -6.49 11.84
N TRP A 322 24.56 -7.75 11.45
CA TRP A 322 25.72 -8.58 11.17
C TRP A 322 26.71 -7.76 10.36
N GLY A 323 27.99 -7.90 10.67
CA GLY A 323 29.01 -7.16 9.96
C GLY A 323 29.22 -7.76 8.59
N GLN A 324 28.95 -9.04 8.47
CA GLN A 324 29.11 -9.71 7.19
C GLN A 324 27.90 -9.45 6.28
N GLY A 325 26.87 -8.79 6.80
CA GLY A 325 25.68 -8.43 6.05
C GLY A 325 25.88 -7.78 4.68
N VAL A 326 26.47 -6.58 4.63
CA VAL A 326 26.63 -5.87 3.35
C VAL A 326 27.50 -6.61 2.36
N GLU A 327 28.16 -7.65 2.82
CA GLU A 327 29.07 -8.35 1.94
C GLU A 327 28.26 -9.36 1.17
N ILE A 328 27.44 -10.10 1.90
CA ILE A 328 26.54 -11.07 1.34
C ILE A 328 25.60 -10.42 0.35
N GLU A 329 25.07 -9.26 0.72
CA GLU A 329 24.22 -8.50 -0.18
C GLU A 329 24.98 -8.18 -1.45
N ARG A 330 26.22 -7.71 -1.26
CA ARG A 330 27.13 -7.36 -2.33
C ARG A 330 27.29 -8.57 -3.24
N ALA A 331 27.46 -9.74 -2.64
CA ALA A 331 27.73 -10.93 -3.42
C ALA A 331 26.50 -11.27 -4.25
N LEU A 332 25.35 -11.24 -3.63
CA LEU A 332 24.10 -11.54 -4.32
C LEU A 332 23.87 -10.60 -5.50
N LYS A 333 23.99 -9.30 -5.27
CA LYS A 333 23.70 -8.36 -6.34
C LYS A 333 24.73 -8.41 -7.48
N GLN A 334 25.90 -8.98 -7.22
CA GLN A 334 26.97 -9.02 -8.23
C GLN A 334 26.92 -10.30 -9.08
N VAL A 335 26.05 -11.22 -8.67
CA VAL A 335 25.83 -12.45 -9.41
C VAL A 335 25.28 -12.19 -10.81
N GLN A 336 25.74 -12.96 -11.78
CA GLN A 336 25.18 -12.90 -13.12
C GLN A 336 25.18 -14.30 -13.74
N VAL A 337 24.00 -14.81 -14.07
CA VAL A 337 23.84 -16.17 -14.61
C VAL A 337 22.67 -16.25 -15.59
N GLU A 338 22.52 -17.39 -16.22
CA GLU A 338 21.37 -17.65 -17.07
C GLU A 338 20.52 -18.67 -16.34
N GLY A 339 19.22 -18.43 -16.28
CA GLY A 339 18.34 -19.34 -15.58
C GLY A 339 17.15 -19.73 -16.43
N LEU A 340 16.18 -20.38 -15.81
CA LEU A 340 14.91 -20.62 -16.45
C LEU A 340 14.32 -19.29 -16.97
N SER A 341 14.64 -18.19 -16.29
CA SER A 341 14.06 -16.88 -16.61
C SER A 341 15.00 -15.97 -17.41
N GLY A 342 15.90 -16.58 -18.17
CA GLY A 342 16.77 -15.82 -19.05
C GLY A 342 18.03 -15.28 -18.40
N ASN A 343 18.44 -14.10 -18.82
CA ASN A 343 19.62 -13.48 -18.25
C ASN A 343 19.31 -12.89 -16.87
N ILE A 344 19.96 -13.42 -15.85
CA ILE A 344 19.77 -12.93 -14.48
C ILE A 344 20.91 -12.03 -14.01
N LYS A 345 20.56 -10.80 -13.66
CA LYS A 345 21.56 -9.79 -13.32
C LYS A 345 20.89 -8.59 -12.65
N PHE A 346 21.49 -8.06 -11.59
CA PHE A 346 20.84 -7.01 -10.80
C PHE A 346 21.58 -5.69 -10.80
N ASP A 347 20.83 -4.59 -10.70
CA ASP A 347 21.38 -3.27 -10.39
C ASP A 347 21.68 -3.14 -8.88
N GLN A 348 22.12 -1.95 -8.46
CA GLN A 348 22.63 -1.78 -7.10
C GLN A 348 21.51 -1.95 -6.09
N ASN A 349 20.29 -1.74 -6.57
CA ASN A 349 19.11 -1.85 -5.72
C ASN A 349 18.44 -3.23 -5.78
N GLY A 350 19.19 -4.23 -6.26
CA GLY A 350 18.72 -5.60 -6.36
C GLY A 350 17.59 -5.86 -7.36
N LYS A 351 17.41 -4.96 -8.32
CA LYS A 351 16.39 -5.10 -9.35
C LYS A 351 16.95 -5.83 -10.58
N ARG A 352 16.11 -6.62 -11.26
CA ARG A 352 16.51 -7.35 -12.48
C ARG A 352 16.82 -6.38 -13.62
N ILE A 353 17.95 -6.60 -14.28
CA ILE A 353 18.31 -5.75 -15.41
C ILE A 353 18.87 -6.60 -16.55
N ASN A 354 18.82 -6.09 -17.77
CA ASN A 354 19.24 -6.86 -18.95
C ASN A 354 18.44 -8.15 -19.09
N TYR A 355 17.13 -8.04 -18.95
CA TYR A 355 16.26 -9.18 -19.12
C TYR A 355 15.41 -8.93 -20.34
N THR A 356 14.77 -9.99 -20.79
CA THR A 356 13.89 -9.95 -21.94
C THR A 356 12.53 -10.48 -21.49
N ILE A 357 11.46 -9.85 -21.97
CA ILE A 357 10.14 -10.41 -21.76
C ILE A 357 9.54 -10.76 -23.10
N ASN A 358 9.15 -12.02 -23.27
CA ASN A 358 8.48 -12.44 -24.50
C ASN A 358 7.06 -11.94 -24.55
N ILE A 359 6.63 -11.55 -25.74
CA ILE A 359 5.29 -11.03 -25.91
C ILE A 359 4.42 -12.04 -26.64
N MET A 360 3.32 -12.42 -26.00
CA MET A 360 2.56 -13.52 -26.49
C MET A 360 1.16 -13.12 -26.93
N GLU A 361 0.69 -13.79 -27.97
CA GLU A 361 -0.69 -13.70 -28.35
C GLU A 361 -1.22 -15.10 -28.46
N LEU A 362 -2.48 -15.26 -28.08
CA LEU A 362 -3.14 -16.55 -28.24
C LEU A 362 -3.74 -16.65 -29.64
N LYS A 363 -3.46 -17.75 -30.32
CA LYS A 363 -3.91 -18.00 -31.69
C LYS A 363 -4.49 -19.43 -31.79
N THR A 364 -5.21 -19.73 -32.88
CA THR A 364 -5.90 -20.99 -33.06
C THR A 364 -5.05 -22.21 -32.69
N ASN A 365 -3.75 -22.04 -32.83
CA ASN A 365 -2.84 -23.17 -32.71
C ASN A 365 -1.96 -23.06 -31.46
N GLY A 366 -2.39 -22.20 -30.53
CA GLY A 366 -1.67 -22.02 -29.30
C GLY A 366 -1.18 -20.60 -29.11
N PRO A 367 -0.40 -20.37 -28.04
CA PRO A 367 0.35 -19.13 -27.81
C PRO A 367 1.48 -19.01 -28.84
N ARG A 368 1.57 -17.86 -29.49
CA ARG A 368 2.64 -17.61 -30.43
C ARG A 368 3.50 -16.49 -29.85
N LYS A 369 4.81 -16.53 -30.09
CA LYS A 369 5.62 -15.42 -29.64
C LYS A 369 5.77 -14.43 -30.78
N ILE A 370 5.07 -13.31 -30.67
CA ILE A 370 5.10 -12.29 -31.70
C ILE A 370 6.29 -11.32 -31.54
N GLY A 371 6.94 -11.35 -30.39
CA GLY A 371 8.11 -10.51 -30.22
C GLY A 371 8.69 -10.63 -28.84
N TYR A 372 9.52 -9.64 -28.49
CA TYR A 372 10.02 -9.52 -27.14
C TYR A 372 10.27 -8.05 -26.79
N TRP A 373 10.59 -7.82 -25.52
CA TRP A 373 10.76 -6.48 -24.97
C TRP A 373 12.00 -6.47 -24.14
N SER A 374 12.90 -5.59 -24.51
CA SER A 374 14.20 -5.53 -23.89
C SER A 374 14.19 -4.47 -22.82
N GLU A 375 14.84 -4.75 -21.71
CA GLU A 375 14.90 -3.77 -20.64
C GLU A 375 15.56 -2.45 -21.12
N VAL A 376 16.15 -2.44 -22.31
CA VAL A 376 16.52 -1.18 -22.99
C VAL A 376 15.27 -0.52 -23.55
N ASP A 377 14.13 -0.87 -22.96
CA ASP A 377 12.87 -0.20 -23.22
C ASP A 377 12.37 -0.37 -24.66
N LYS A 378 12.80 -1.44 -25.30
CA LYS A 378 12.51 -1.68 -26.72
C LYS A 378 11.58 -2.88 -26.94
N MET A 379 10.51 -2.67 -27.69
CA MET A 379 9.71 -3.77 -28.17
C MET A 379 10.07 -4.18 -29.60
N VAL A 380 10.51 -5.42 -29.77
CA VAL A 380 10.94 -5.90 -31.08
C VAL A 380 10.01 -7.02 -31.55
N VAL A 381 9.57 -6.98 -32.81
CA VAL A 381 8.68 -8.03 -33.34
C VAL A 381 9.43 -9.18 -34.02
N THR A 382 8.70 -10.21 -34.45
CA THR A 382 9.32 -11.37 -35.12
C THR A 382 8.62 -11.82 -36.41
N LEU A 383 9.38 -12.35 -37.36
CA LEU A 383 8.82 -12.71 -38.67
C LEU A 383 8.44 -14.19 -38.80
N ILE B 11 -6.33 3.54 32.70
CA ILE B 11 -5.18 2.79 33.17
C ILE B 11 -3.93 3.07 32.32
N GLN B 12 -3.14 2.03 32.06
CA GLN B 12 -1.92 2.16 31.26
C GLN B 12 -2.22 2.02 29.78
N ILE B 13 -2.14 3.13 29.07
CA ILE B 13 -2.34 3.14 27.65
C ILE B 13 -1.12 3.74 26.99
N GLY B 14 -0.50 2.98 26.08
CA GLY B 14 0.64 3.46 25.35
C GLY B 14 0.29 4.68 24.51
N GLY B 15 1.31 5.40 24.08
CA GLY B 15 1.13 6.60 23.28
C GLY B 15 2.27 6.76 22.31
N LEU B 16 2.04 6.38 21.05
CA LEU B 16 3.05 6.45 20.01
C LEU B 16 2.90 7.70 19.14
N PHE B 17 3.92 8.55 19.12
CA PHE B 17 3.90 9.75 18.29
C PHE B 17 5.01 9.75 17.23
N PRO B 18 4.77 10.37 16.07
CA PRO B 18 5.86 10.48 15.11
C PRO B 18 6.80 11.59 15.58
N ARG B 19 8.07 11.54 15.19
CA ARG B 19 9.07 12.48 15.71
C ARG B 19 8.64 13.94 15.49
N GLY B 20 8.63 14.73 16.56
CA GLY B 20 8.32 16.14 16.47
C GLY B 20 6.94 16.48 15.95
N ALA B 21 5.95 15.66 16.30
CA ALA B 21 4.55 15.97 16.03
C ALA B 21 4.03 16.72 17.25
N ASP B 22 4.60 17.90 17.48
CA ASP B 22 4.46 18.61 18.74
C ASP B 22 3.04 19.06 19.08
N GLN B 23 2.42 19.81 18.19
CA GLN B 23 1.09 20.32 18.48
C GLN B 23 0.12 19.16 18.73
N GLU B 24 0.34 18.04 18.06
CA GLU B 24 -0.45 16.83 18.29
C GLU B 24 -0.19 16.32 19.70
N TYR B 25 1.08 16.22 20.06
CA TYR B 25 1.44 15.70 21.37
C TYR B 25 1.03 16.63 22.52
N SER B 26 1.10 17.95 22.28
CA SER B 26 0.67 18.90 23.30
C SER B 26 -0.83 18.82 23.48
N ALA B 27 -1.54 18.64 22.37
CA ALA B 27 -3.00 18.58 22.36
C ALA B 27 -3.48 17.38 23.17
N PHE B 28 -2.64 16.35 23.16
CA PHE B 28 -2.84 15.14 23.94
C PHE B 28 -2.82 15.48 25.43
N ARG B 29 -1.83 16.28 25.81
CA ARG B 29 -1.67 16.77 27.18
C ARG B 29 -2.89 17.58 27.64
N VAL B 30 -3.21 18.64 26.91
CA VAL B 30 -4.35 19.49 27.23
C VAL B 30 -5.55 18.63 27.59
N GLY B 31 -5.88 17.69 26.71
CA GLY B 31 -7.01 16.82 26.90
C GLY B 31 -6.84 15.88 28.07
N MET B 32 -5.70 15.20 28.12
CA MET B 32 -5.39 14.33 29.24
C MET B 32 -5.75 15.01 30.56
N VAL B 33 -5.55 16.31 30.62
CA VAL B 33 -5.88 17.07 31.82
C VAL B 33 -7.36 17.42 31.80
N GLN B 34 -7.79 18.09 30.76
CA GLN B 34 -9.16 18.54 30.74
C GLN B 34 -10.18 17.44 30.85
N PHE B 35 -9.74 16.19 30.98
CA PHE B 35 -10.69 15.10 31.15
C PHE B 35 -10.41 14.17 32.34
N SER B 36 -9.24 14.29 32.97
CA SER B 36 -8.86 13.36 34.04
C SER B 36 -9.47 13.72 35.39
N THR B 37 -10.78 13.90 35.41
CA THR B 37 -11.46 14.33 36.63
C THR B 37 -12.15 13.19 37.37
N SER B 38 -12.00 13.20 38.69
CA SER B 38 -12.79 12.34 39.58
C SER B 38 -12.38 10.86 39.57
N GLU B 39 -12.54 10.20 38.43
CA GLU B 39 -12.47 8.75 38.38
C GLU B 39 -11.05 8.17 38.38
N PHE B 40 -10.23 8.54 37.41
CA PHE B 40 -8.88 8.01 37.34
C PHE B 40 -8.06 8.66 36.25
N ARG B 41 -6.76 8.83 36.51
CA ARG B 41 -5.84 9.31 35.49
C ARG B 41 -5.29 8.11 34.70
N LEU B 42 -5.18 8.26 33.39
CA LEU B 42 -4.57 7.22 32.56
C LEU B 42 -3.05 7.35 32.60
N THR B 43 -2.35 6.22 32.50
CA THR B 43 -0.89 6.21 32.58
C THR B 43 -0.27 6.00 31.20
N PRO B 44 -0.11 7.09 30.44
CA PRO B 44 0.36 7.05 29.06
C PRO B 44 1.87 6.81 28.99
N HIS B 45 2.27 5.68 28.44
CA HIS B 45 3.68 5.45 28.17
C HIS B 45 3.98 6.01 26.78
N ILE B 46 4.91 6.97 26.71
CA ILE B 46 5.14 7.68 25.45
C ILE B 46 6.41 7.27 24.72
N ASP B 47 6.27 7.13 23.40
CA ASP B 47 7.37 6.82 22.49
C ASP B 47 7.32 7.77 21.31
N ASN B 48 8.48 8.31 20.93
CA ASN B 48 8.60 9.15 19.75
C ASN B 48 9.33 8.40 18.65
N LEU B 49 8.56 7.76 17.78
CA LEU B 49 9.14 6.86 16.80
C LEU B 49 9.16 7.45 15.40
N GLU B 50 9.97 6.85 14.54
CA GLU B 50 9.90 7.13 13.12
C GLU B 50 8.82 6.20 12.59
N VAL B 51 7.68 6.78 12.25
CA VAL B 51 6.48 6.00 11.94
C VAL B 51 6.57 5.23 10.62
N ALA B 52 7.42 5.70 9.71
CA ALA B 52 7.55 5.04 8.42
C ALA B 52 8.27 3.70 8.54
N ASN B 53 8.94 3.52 9.68
CA ASN B 53 9.83 2.38 9.91
C ASN B 53 9.06 1.23 10.59
N SER B 54 8.68 0.22 9.81
CA SER B 54 7.86 -0.85 10.35
C SER B 54 8.57 -1.65 11.43
N PHE B 55 9.90 -1.65 11.37
CA PHE B 55 10.69 -2.22 12.44
C PHE B 55 10.50 -1.40 13.71
N ALA B 56 10.74 -0.09 13.59
CA ALA B 56 10.52 0.84 14.69
C ALA B 56 9.15 0.58 15.27
N VAL B 57 8.16 0.53 14.41
CA VAL B 57 6.78 0.44 14.88
C VAL B 57 6.48 -0.91 15.54
N THR B 58 6.88 -1.99 14.88
CA THR B 58 6.87 -3.31 15.52
C THR B 58 7.52 -3.24 16.91
N ASN B 59 8.58 -2.46 17.04
CA ASN B 59 9.32 -2.36 18.29
C ASN B 59 8.61 -1.54 19.37
N ALA B 60 8.04 -0.41 18.97
CA ALA B 60 7.26 0.40 19.89
C ALA B 60 6.06 -0.42 20.33
N PHE B 61 5.25 -0.83 19.36
CA PHE B 61 4.02 -1.52 19.69
C PHE B 61 4.26 -2.64 20.68
N CYS B 62 5.26 -3.46 20.38
CA CYS B 62 5.57 -4.61 21.23
C CYS B 62 6.01 -4.24 22.65
N SER B 63 6.88 -3.25 22.78
CA SER B 63 7.31 -2.83 24.11
C SER B 63 6.12 -2.32 24.94
N GLN B 64 5.12 -1.77 24.28
CA GLN B 64 3.88 -1.44 24.97
C GLN B 64 3.23 -2.74 25.44
N PHE B 65 2.99 -3.64 24.50
CA PHE B 65 2.36 -4.93 24.82
C PHE B 65 3.02 -5.55 26.05
N SER B 66 4.33 -5.41 26.15
CA SER B 66 5.07 -5.83 27.35
C SER B 66 4.60 -5.13 28.62
N ARG B 67 4.51 -3.81 28.57
CA ARG B 67 4.05 -3.00 29.69
C ARG B 67 2.65 -3.40 30.16
N GLY B 68 1.98 -4.22 29.37
CA GLY B 68 0.65 -4.66 29.71
C GLY B 68 -0.42 -3.66 29.33
N VAL B 69 -0.03 -2.64 28.56
CA VAL B 69 -0.99 -1.70 27.99
C VAL B 69 -2.16 -2.45 27.31
N TYR B 70 -3.39 -1.98 27.54
CA TYR B 70 -4.59 -2.54 26.89
C TYR B 70 -4.99 -1.76 25.64
N ALA B 71 -4.71 -0.45 25.66
CA ALA B 71 -5.03 0.43 24.53
C ALA B 71 -3.88 1.34 24.12
N ILE B 72 -3.44 1.21 22.88
CA ILE B 72 -2.44 2.14 22.36
C ILE B 72 -3.13 3.25 21.57
N PHE B 73 -2.81 4.49 21.90
CA PHE B 73 -3.13 5.61 21.03
C PHE B 73 -1.88 5.90 20.23
N GLY B 74 -2.03 6.33 18.99
CA GLY B 74 -0.89 6.58 18.15
C GLY B 74 -1.22 6.89 16.72
N PHE B 75 -0.18 6.85 15.90
CA PHE B 75 -0.23 7.18 14.49
C PHE B 75 0.41 6.04 13.70
N TYR B 76 0.10 5.98 12.41
CA TYR B 76 0.77 5.08 11.47
C TYR B 76 0.81 5.79 10.12
N ASP B 77 1.57 5.25 9.20
CA ASP B 77 1.44 5.74 7.83
C ASP B 77 1.39 4.61 6.83
N LYS B 78 1.25 4.96 5.56
CA LYS B 78 1.08 4.00 4.47
C LYS B 78 2.01 2.78 4.60
N LYS B 79 3.20 3.01 5.13
CA LYS B 79 4.22 1.98 5.25
C LYS B 79 4.11 1.14 6.53
N SER B 80 3.55 1.72 7.59
CA SER B 80 3.48 1.01 8.88
C SER B 80 2.07 0.55 9.26
N VAL B 81 1.08 1.00 8.51
CA VAL B 81 -0.32 0.68 8.78
C VAL B 81 -0.65 -0.83 8.91
N ASN B 82 0.10 -1.67 8.21
CA ASN B 82 -0.14 -3.12 8.29
C ASN B 82 0.55 -3.77 9.47
N THR B 83 1.63 -3.17 9.92
CA THR B 83 2.30 -3.63 11.12
C THR B 83 1.28 -3.47 12.23
N ILE B 84 0.64 -2.30 12.24
CA ILE B 84 -0.35 -1.90 13.23
C ILE B 84 -1.57 -2.83 13.20
N THR B 85 -2.36 -2.74 12.13
CA THR B 85 -3.49 -3.64 11.97
C THR B 85 -3.17 -5.12 12.26
N SER B 86 -2.06 -5.64 11.76
CA SER B 86 -1.80 -7.06 12.00
C SER B 86 -1.49 -7.34 13.48
N PHE B 87 -0.64 -6.51 14.09
CA PHE B 87 -0.31 -6.65 15.51
C PHE B 87 -1.50 -6.39 16.44
N CYS B 88 -2.28 -5.35 16.15
CA CYS B 88 -3.48 -5.05 16.91
C CYS B 88 -4.45 -6.22 16.97
N GLY B 89 -4.73 -6.79 15.80
CA GLY B 89 -5.75 -7.81 15.71
C GLY B 89 -5.28 -9.14 16.22
N THR B 90 -3.98 -9.35 16.15
CA THR B 90 -3.39 -10.60 16.60
C THR B 90 -3.32 -10.63 18.14
N LEU B 91 -2.76 -9.59 18.73
CA LEU B 91 -2.57 -9.55 20.17
C LEU B 91 -3.80 -8.98 20.90
N HIS B 92 -4.81 -8.56 20.15
CA HIS B 92 -6.03 -7.99 20.74
C HIS B 92 -5.80 -6.73 21.59
N VAL B 93 -4.91 -5.85 21.16
CA VAL B 93 -4.72 -4.55 21.79
C VAL B 93 -5.38 -3.44 20.97
N SER B 94 -6.23 -2.64 21.59
CA SER B 94 -6.91 -1.57 20.86
C SER B 94 -5.99 -0.45 20.38
N PHE B 95 -6.19 -0.04 19.14
CA PHE B 95 -5.44 1.07 18.59
C PHE B 95 -6.33 2.25 18.24
N ILE B 96 -6.07 3.39 18.87
CA ILE B 96 -6.78 4.62 18.58
C ILE B 96 -5.86 5.58 17.83
N THR B 97 -6.31 6.07 16.68
CA THR B 97 -5.46 6.92 15.84
C THR B 97 -6.19 8.03 15.06
N PRO B 98 -5.51 9.19 14.89
CA PRO B 98 -5.94 10.33 14.07
C PRO B 98 -5.54 10.15 12.62
N SER B 99 -4.84 9.06 12.36
CA SER B 99 -4.26 8.86 11.05
C SER B 99 -5.32 8.59 9.99
N PHE B 100 -4.89 8.45 8.75
CA PHE B 100 -5.83 8.21 7.68
C PHE B 100 -6.65 6.95 7.98
N PRO B 101 -7.96 6.99 7.69
CA PRO B 101 -8.88 5.86 7.89
C PRO B 101 -8.65 4.79 6.83
N THR B 102 -8.32 3.57 7.22
CA THR B 102 -8.13 2.53 6.22
C THR B 102 -9.42 2.19 5.51
N ASP B 103 -9.29 1.92 4.23
CA ASP B 103 -10.38 1.26 3.56
C ASP B 103 -10.26 -0.20 3.92
N GLY B 104 -11.40 -0.83 4.13
CA GLY B 104 -11.39 -2.21 4.56
C GLY B 104 -11.47 -2.25 6.06
N THR B 105 -12.19 -3.25 6.57
CA THR B 105 -12.46 -3.37 7.99
C THR B 105 -11.30 -4.03 8.72
N HIS B 106 -11.13 -3.66 9.99
CA HIS B 106 -10.00 -4.08 10.80
C HIS B 106 -10.33 -3.99 12.29
N PRO B 107 -10.22 -5.13 12.99
CA PRO B 107 -10.45 -5.37 14.44
C PRO B 107 -9.46 -4.61 15.32
N PHE B 108 -9.95 -4.05 16.42
CA PHE B 108 -9.10 -3.38 17.39
C PHE B 108 -8.50 -2.12 16.82
N VAL B 109 -9.18 -1.53 15.86
CA VAL B 109 -8.80 -0.20 15.39
C VAL B 109 -9.95 0.80 15.51
N ILE B 110 -9.64 1.94 16.10
CA ILE B 110 -10.59 3.02 16.24
C ILE B 110 -10.09 4.20 15.42
N GLN B 111 -10.65 4.39 14.23
CA GLN B 111 -10.31 5.51 13.36
C GLN B 111 -10.99 6.79 13.82
N MET B 112 -10.29 7.64 14.55
CA MET B 112 -10.79 8.98 14.87
C MET B 112 -11.04 9.86 13.64
N ARG B 113 -10.34 9.61 12.54
CA ARG B 113 -10.47 10.50 11.39
C ARG B 113 -11.66 10.18 10.47
N PRO B 114 -12.58 11.14 10.32
CA PRO B 114 -13.68 10.96 9.38
C PRO B 114 -13.16 10.73 7.95
N ASP B 115 -13.98 10.12 7.12
CA ASP B 115 -13.58 9.71 5.79
C ASP B 115 -13.93 10.78 4.74
N LEU B 116 -12.98 11.10 3.87
CA LEU B 116 -13.19 12.24 2.96
C LEU B 116 -13.65 11.87 1.54
N LYS B 117 -13.54 10.60 1.16
CA LYS B 117 -13.82 10.21 -0.23
C LYS B 117 -15.22 10.65 -0.65
N GLY B 118 -16.19 10.37 0.20
CA GLY B 118 -17.58 10.65 -0.11
C GLY B 118 -17.81 12.12 -0.35
N ALA B 119 -17.36 12.95 0.59
CA ALA B 119 -17.56 14.40 0.53
C ALA B 119 -16.95 14.98 -0.74
N LEU B 120 -15.75 14.54 -1.03
CA LEU B 120 -15.03 14.95 -2.24
C LEU B 120 -15.86 14.60 -3.46
N LEU B 121 -16.11 13.31 -3.66
CA LEU B 121 -16.95 12.89 -4.77
C LEU B 121 -18.26 13.70 -4.87
N SER B 122 -18.89 13.99 -3.74
CA SER B 122 -20.09 14.82 -3.74
C SER B 122 -19.77 16.26 -4.14
N LEU B 123 -18.60 16.76 -3.75
CA LEU B 123 -18.23 18.12 -4.09
C LEU B 123 -18.03 18.28 -5.61
N ILE B 124 -17.25 17.39 -6.20
CA ILE B 124 -17.01 17.41 -7.62
C ILE B 124 -18.33 17.44 -8.40
N GLU B 125 -19.28 16.61 -8.00
CA GLU B 125 -20.60 16.68 -8.59
C GLU B 125 -21.23 18.06 -8.39
N TYR B 126 -21.18 18.58 -7.16
CA TYR B 126 -21.81 19.85 -6.85
C TYR B 126 -21.37 20.92 -7.84
N TYR B 127 -20.07 20.93 -8.15
CA TYR B 127 -19.54 21.92 -9.09
C TYR B 127 -19.70 21.46 -10.53
N GLN B 128 -20.39 20.35 -10.73
CA GLN B 128 -20.64 19.84 -12.09
C GLN B 128 -19.35 19.79 -12.92
N TRP B 129 -18.31 19.25 -12.31
CA TRP B 129 -17.07 18.96 -13.03
C TRP B 129 -17.20 17.63 -13.77
N ASP B 130 -16.97 17.66 -15.08
CA ASP B 130 -16.88 16.43 -15.85
C ASP B 130 -15.43 16.17 -16.31
N LYS B 131 -14.68 17.25 -16.52
CA LYS B 131 -13.26 17.14 -16.84
C LYS B 131 -12.45 17.97 -15.86
N PHE B 132 -11.36 17.39 -15.39
CA PHE B 132 -10.54 18.00 -14.36
C PHE B 132 -9.29 17.19 -14.09
N ALA B 133 -8.31 17.83 -13.46
CA ALA B 133 -7.04 17.20 -13.14
C ALA B 133 -7.06 16.70 -11.71
N TYR B 134 -6.10 15.84 -11.38
CA TYR B 134 -6.00 15.30 -10.04
C TYR B 134 -4.55 15.16 -9.65
N LEU B 135 -4.18 15.69 -8.49
CA LEU B 135 -2.78 15.68 -8.10
C LEU B 135 -2.51 14.85 -6.84
N TYR B 136 -2.08 13.61 -7.03
CA TYR B 136 -2.10 12.63 -5.96
C TYR B 136 -0.71 12.29 -5.41
N ASP B 137 -0.20 13.13 -4.53
CA ASP B 137 1.07 12.84 -3.87
C ASP B 137 0.96 11.62 -2.95
N SER B 138 1.82 10.63 -3.15
CA SER B 138 1.82 9.44 -2.31
C SER B 138 2.45 9.70 -0.93
N ASP B 139 1.68 9.48 0.14
CA ASP B 139 0.31 8.96 0.07
C ASP B 139 -0.38 9.00 1.43
N ARG B 140 -1.55 9.63 1.45
CA ARG B 140 -2.42 9.63 2.63
C ARG B 140 -3.42 8.50 2.41
N GLY B 141 -2.94 7.39 1.85
CA GLY B 141 -3.80 6.34 1.36
C GLY B 141 -4.46 6.80 0.07
N LEU B 142 -3.88 6.40 -1.07
CA LEU B 142 -4.32 6.92 -2.37
C LEU B 142 -5.68 6.36 -2.80
N SER B 143 -6.35 5.69 -1.88
CA SER B 143 -7.69 5.15 -2.13
C SER B 143 -8.64 6.24 -2.62
N THR B 144 -8.29 7.50 -2.36
CA THR B 144 -9.10 8.62 -2.81
C THR B 144 -9.07 8.75 -4.34
N LEU B 145 -7.87 8.83 -4.90
CA LEU B 145 -7.74 8.86 -6.35
C LEU B 145 -8.43 7.64 -6.96
N GLN B 146 -8.37 6.51 -6.26
CA GLN B 146 -9.12 5.31 -6.66
C GLN B 146 -10.61 5.58 -6.68
N ALA B 147 -11.13 6.04 -5.55
CA ALA B 147 -12.55 6.32 -5.40
C ALA B 147 -13.03 7.11 -6.60
N VAL B 148 -12.22 8.09 -6.99
CA VAL B 148 -12.51 9.00 -8.09
C VAL B 148 -12.47 8.35 -9.44
N LEU B 149 -11.50 7.48 -9.65
CA LEU B 149 -11.37 6.76 -10.92
C LEU B 149 -12.45 5.70 -11.06
N ASP B 150 -12.91 5.17 -9.94
CA ASP B 150 -13.99 4.20 -9.97
C ASP B 150 -15.29 4.92 -10.24
N SER B 151 -15.34 6.21 -9.94
CA SER B 151 -16.56 6.99 -10.16
C SER B 151 -16.55 7.64 -11.52
N ALA B 152 -15.38 8.08 -11.96
CA ALA B 152 -15.22 8.68 -13.27
C ALA B 152 -15.90 7.81 -14.31
N ALA B 153 -15.69 6.50 -14.20
CA ALA B 153 -16.32 5.55 -15.10
C ALA B 153 -17.84 5.74 -15.16
N GLU B 154 -18.50 5.68 -14.01
CA GLU B 154 -19.96 5.84 -13.95
C GLU B 154 -20.45 7.28 -14.22
N LYS B 155 -19.94 8.24 -13.46
CA LYS B 155 -20.39 9.62 -13.58
C LYS B 155 -19.76 10.33 -14.77
N LYS B 156 -19.25 9.54 -15.71
CA LYS B 156 -18.67 10.08 -16.94
C LYS B 156 -17.79 11.30 -16.67
N TRP B 157 -16.53 11.06 -16.31
CA TRP B 157 -15.58 12.14 -16.04
C TRP B 157 -14.29 11.89 -16.79
N GLN B 158 -13.76 12.91 -17.45
CA GLN B 158 -12.44 12.83 -18.06
C GLN B 158 -11.39 13.31 -17.05
N VAL B 159 -10.65 12.36 -16.48
CA VAL B 159 -9.73 12.71 -15.40
C VAL B 159 -8.27 12.53 -15.78
N THR B 160 -7.53 13.63 -15.76
CA THR B 160 -6.10 13.57 -15.99
C THR B 160 -5.37 13.38 -14.66
N ALA B 161 -4.99 12.14 -14.39
CA ALA B 161 -4.35 11.79 -13.12
C ALA B 161 -2.84 11.97 -13.13
N ILE B 162 -2.33 12.69 -12.13
CA ILE B 162 -0.90 12.98 -12.04
C ILE B 162 -0.37 12.89 -10.62
N ASN B 163 0.19 11.73 -10.28
CA ASN B 163 0.73 11.49 -8.95
C ASN B 163 1.92 12.41 -8.65
N VAL B 164 1.63 13.63 -8.22
CA VAL B 164 2.67 14.60 -7.90
C VAL B 164 3.49 14.14 -6.70
N GLY B 165 3.83 12.86 -6.67
CA GLY B 165 4.62 12.30 -5.58
C GLY B 165 6.10 12.35 -5.86
N ASN B 166 6.47 12.43 -7.14
CA ASN B 166 7.87 12.49 -7.53
C ASN B 166 8.48 13.88 -7.38
N ILE B 167 7.94 14.84 -8.14
CA ILE B 167 8.38 16.23 -8.08
C ILE B 167 9.90 16.36 -8.00
N ASN B 168 10.58 16.23 -9.14
CA ASN B 168 12.03 16.33 -9.19
C ASN B 168 12.52 17.58 -9.92
N GLU B 174 10.58 21.31 -10.62
CA GLU B 174 11.10 21.58 -11.96
C GLU B 174 10.02 21.39 -13.01
N THR B 175 9.60 20.14 -13.22
CA THR B 175 8.57 19.81 -14.21
C THR B 175 7.19 20.30 -13.80
N TYR B 176 7.12 21.06 -12.72
CA TYR B 176 5.86 21.65 -12.27
C TYR B 176 5.33 22.59 -13.36
N ARG B 177 6.25 23.18 -14.11
CA ARG B 177 5.91 24.07 -15.20
C ARG B 177 5.34 23.30 -16.39
N SER B 178 5.88 22.11 -16.63
CA SER B 178 5.39 21.26 -17.72
C SER B 178 4.00 20.73 -17.41
N LEU B 179 3.70 20.58 -16.13
CA LEU B 179 2.39 20.14 -15.68
C LEU B 179 1.32 21.10 -16.19
N PHE B 180 1.22 22.24 -15.51
CA PHE B 180 0.23 23.26 -15.85
C PHE B 180 0.25 23.57 -17.36
N GLN B 181 1.45 23.67 -17.91
CA GLN B 181 1.63 23.96 -19.33
C GLN B 181 0.94 22.92 -20.21
N ASP B 182 1.16 21.65 -19.90
CA ASP B 182 0.53 20.55 -20.63
C ASP B 182 -0.98 20.49 -20.39
N LEU B 183 -1.42 20.97 -19.22
CA LEU B 183 -2.84 20.96 -18.86
C LEU B 183 -3.57 22.14 -19.51
N GLU B 184 -2.88 22.83 -20.39
CA GLU B 184 -3.46 23.90 -21.18
C GLU B 184 -3.74 23.40 -22.59
N LEU B 185 -3.24 22.21 -22.87
CA LEU B 185 -3.49 21.56 -24.15
C LEU B 185 -4.98 21.49 -24.37
N LYS B 186 -5.68 20.96 -23.37
CA LYS B 186 -7.13 20.88 -23.39
C LYS B 186 -7.73 22.15 -22.83
N LYS B 187 -6.89 23.00 -22.26
CA LYS B 187 -7.35 24.21 -21.61
C LYS B 187 -8.34 23.86 -20.50
N GLU B 188 -8.24 22.64 -19.99
CA GLU B 188 -9.01 22.24 -18.82
C GLU B 188 -8.31 22.81 -17.58
N ARG B 189 -9.02 23.67 -16.85
CA ARG B 189 -8.42 24.42 -15.75
C ARG B 189 -9.04 24.12 -14.37
N ARG B 190 -9.50 22.88 -14.17
CA ARG B 190 -10.08 22.46 -12.89
C ARG B 190 -9.21 21.38 -12.23
N VAL B 191 -8.78 21.62 -11.00
CA VAL B 191 -7.78 20.74 -10.39
C VAL B 191 -8.06 20.39 -8.93
N ILE B 192 -7.85 19.12 -8.61
CA ILE B 192 -7.90 18.63 -7.24
C ILE B 192 -6.50 18.40 -6.73
N LEU B 193 -6.20 18.92 -5.54
CA LEU B 193 -4.88 18.76 -4.96
C LEU B 193 -4.88 17.85 -3.73
N ASP B 194 -4.41 16.61 -3.94
CA ASP B 194 -4.36 15.61 -2.88
C ASP B 194 -2.95 15.28 -2.49
N CYS B 195 -2.48 15.84 -1.37
CA CYS B 195 -1.10 15.65 -0.99
C CYS B 195 -0.77 16.27 0.37
N GLU B 196 0.52 16.30 0.69
CA GLU B 196 1.01 16.88 1.93
C GLU B 196 0.98 18.40 1.88
N ARG B 197 0.97 19.04 3.05
CA ARG B 197 0.92 20.50 3.14
C ARG B 197 2.05 21.13 2.35
N ASP B 198 3.21 20.51 2.43
CA ASP B 198 4.41 21.03 1.78
C ASP B 198 4.25 21.05 0.26
N LYS B 199 3.80 19.94 -0.31
CA LYS B 199 3.62 19.82 -1.75
C LYS B 199 2.62 20.85 -2.27
N VAL B 200 1.59 21.10 -1.48
CA VAL B 200 0.55 22.06 -1.84
C VAL B 200 1.14 23.44 -2.10
N ASN B 201 1.59 24.10 -1.03
CA ASN B 201 2.18 25.44 -1.14
C ASN B 201 3.13 25.55 -2.33
N ASP B 202 3.91 24.50 -2.56
CA ASP B 202 4.93 24.48 -3.61
C ASP B 202 4.35 24.45 -5.02
N ILE B 203 3.36 23.59 -5.23
CA ILE B 203 2.67 23.50 -6.51
C ILE B 203 1.74 24.70 -6.70
N VAL B 204 1.50 25.42 -5.61
CA VAL B 204 0.59 26.57 -5.62
C VAL B 204 1.22 27.81 -6.22
N ASP B 205 2.37 28.22 -5.68
CA ASP B 205 3.07 29.41 -6.14
C ASP B 205 3.57 29.23 -7.58
N GLN B 206 3.57 27.98 -8.05
CA GLN B 206 4.00 27.65 -9.40
C GLN B 206 2.90 27.93 -10.44
N VAL B 207 1.69 28.20 -9.96
CA VAL B 207 0.59 28.59 -10.84
C VAL B 207 0.71 30.08 -11.17
N ILE B 208 1.26 30.84 -10.22
CA ILE B 208 1.50 32.25 -10.42
C ILE B 208 2.62 32.46 -11.41
N THR B 209 3.78 31.87 -11.13
CA THR B 209 4.93 31.97 -12.04
C THR B 209 4.80 31.04 -13.24
N ILE B 210 5.24 31.54 -14.40
CA ILE B 210 5.18 30.77 -15.64
C ILE B 210 3.77 30.24 -15.91
N GLY B 211 2.77 30.91 -15.34
CA GLY B 211 1.40 30.45 -15.46
C GLY B 211 0.41 31.54 -15.79
N LYS B 212 0.15 31.72 -17.08
CA LYS B 212 -0.94 32.58 -17.53
C LYS B 212 -1.89 31.78 -18.39
N HIS B 213 -3.18 31.83 -18.05
CA HIS B 213 -3.61 32.61 -16.90
C HIS B 213 -3.79 31.71 -15.67
N VAL B 214 -3.48 32.24 -14.50
CA VAL B 214 -3.62 31.48 -13.27
C VAL B 214 -4.89 31.85 -12.53
N LYS B 215 -5.89 32.32 -13.29
CA LYS B 215 -7.09 32.89 -12.70
C LYS B 215 -8.33 32.06 -12.95
N GLY B 216 -8.61 31.80 -14.23
CA GLY B 216 -9.78 31.02 -14.59
C GLY B 216 -9.70 29.57 -14.16
N TYR B 217 -8.94 29.32 -13.10
CA TYR B 217 -8.73 27.98 -12.60
C TYR B 217 -9.47 27.75 -11.28
N HIS B 218 -10.02 26.55 -11.11
CA HIS B 218 -10.71 26.16 -9.90
C HIS B 218 -9.96 25.04 -9.17
N TYR B 219 -9.56 25.31 -7.94
CA TYR B 219 -8.76 24.36 -7.18
C TYR B 219 -9.50 23.83 -5.96
N ILE B 220 -9.53 22.51 -5.85
CA ILE B 220 -10.09 21.87 -4.68
C ILE B 220 -8.99 21.19 -3.89
N ILE B 221 -8.85 21.60 -2.64
CA ILE B 221 -7.85 21.01 -1.77
C ILE B 221 -8.50 19.87 -1.02
N ALA B 222 -8.06 18.65 -1.30
CA ALA B 222 -8.63 17.45 -0.69
C ALA B 222 -7.95 17.05 0.61
N ASN B 223 -8.28 17.80 1.67
CA ASN B 223 -7.84 17.48 3.01
C ASN B 223 -8.85 18.01 4.00
N LEU B 224 -8.62 17.74 5.28
CA LEU B 224 -9.55 18.15 6.33
C LEU B 224 -9.04 19.33 7.17
N GLY B 225 -8.15 20.12 6.59
CA GLY B 225 -7.55 21.23 7.32
C GLY B 225 -7.45 22.48 6.48
N PHE B 226 -8.43 22.69 5.61
CA PHE B 226 -8.51 23.90 4.79
C PHE B 226 -7.99 25.14 5.54
N THR B 227 -8.54 25.44 6.71
CA THR B 227 -8.08 26.60 7.50
C THR B 227 -6.77 26.29 8.21
N ASP B 228 -6.60 25.03 8.61
CA ASP B 228 -5.43 24.64 9.38
C ASP B 228 -4.17 24.62 8.53
N GLY B 229 -3.38 25.69 8.59
CA GLY B 229 -2.15 25.76 7.83
C GLY B 229 -1.93 27.08 7.12
N ASP B 230 -1.73 27.02 5.81
CA ASP B 230 -1.43 28.23 5.04
C ASP B 230 -2.44 28.45 3.91
N LEU B 231 -3.60 28.96 4.27
CA LEU B 231 -4.62 29.28 3.28
C LEU B 231 -4.45 30.71 2.79
N LEU B 232 -4.66 31.68 3.69
CA LEU B 232 -4.47 33.08 3.35
C LEU B 232 -3.01 33.36 3.02
N LYS B 233 -2.17 32.35 3.22
CA LYS B 233 -0.75 32.44 2.92
C LYS B 233 -0.48 32.13 1.45
N ILE B 234 -1.42 32.51 0.59
CA ILE B 234 -1.30 32.28 -0.84
C ILE B 234 -2.23 33.23 -1.59
N GLN B 235 -1.71 33.84 -2.66
CA GLN B 235 -2.49 34.77 -3.46
C GLN B 235 -3.58 34.04 -4.25
N PHE B 236 -3.30 32.77 -4.56
CA PHE B 236 -4.21 31.93 -5.33
C PHE B 236 -4.34 32.37 -6.78
N GLY B 237 -4.36 33.68 -7.01
CA GLY B 237 -4.53 34.22 -8.33
C GLY B 237 -5.98 34.28 -8.72
N GLY B 238 -6.51 33.15 -9.18
CA GLY B 238 -7.90 33.03 -9.55
C GLY B 238 -8.81 33.91 -8.71
N ALA B 239 -8.99 33.53 -7.45
CA ALA B 239 -8.34 32.34 -6.92
C ALA B 239 -9.37 31.29 -6.53
N ASN B 240 -10.19 30.90 -7.50
CA ASN B 240 -11.29 29.97 -7.24
C ASN B 240 -10.83 28.75 -6.44
N VAL B 241 -11.10 28.76 -5.14
CA VAL B 241 -10.63 27.69 -4.24
C VAL B 241 -11.75 27.09 -3.38
N SER B 242 -11.76 25.75 -3.28
CA SER B 242 -12.64 25.03 -2.37
C SER B 242 -11.85 24.04 -1.52
N GLY B 243 -12.43 23.59 -0.42
CA GLY B 243 -11.81 22.61 0.46
C GLY B 243 -12.66 22.18 1.63
N PHE B 244 -12.06 21.51 2.59
CA PHE B 244 -12.83 20.93 3.68
C PHE B 244 -12.32 21.25 5.08
N GLN B 245 -13.25 21.52 5.99
CA GLN B 245 -12.91 21.67 7.39
C GLN B 245 -13.84 20.82 8.25
N ILE B 246 -13.26 20.02 9.14
CA ILE B 246 -14.06 19.23 10.07
C ILE B 246 -14.19 19.96 11.41
N VAL B 247 -13.49 21.10 11.55
CA VAL B 247 -13.55 21.91 12.77
C VAL B 247 -14.21 23.27 12.53
N ASP B 248 -15.33 23.52 13.19
CA ASP B 248 -16.04 24.80 13.07
C ASP B 248 -15.68 25.70 14.23
N TYR B 249 -15.06 26.84 13.92
CA TYR B 249 -14.66 27.79 14.94
C TYR B 249 -15.82 28.70 15.32
N ASP B 250 -17.00 28.38 14.80
CA ASP B 250 -18.23 29.05 15.22
C ASP B 250 -18.92 28.19 16.26
N ASP B 251 -18.23 27.16 16.73
CA ASP B 251 -18.80 26.22 17.68
C ASP B 251 -18.33 26.48 19.10
N SER B 252 -19.28 26.72 19.99
CA SER B 252 -18.97 27.03 21.38
C SER B 252 -17.86 26.14 21.91
N LEU B 253 -18.05 24.84 21.77
CA LEU B 253 -17.11 23.85 22.28
C LEU B 253 -15.69 24.17 21.78
N VAL B 254 -15.56 24.37 20.48
CA VAL B 254 -14.29 24.76 19.90
C VAL B 254 -13.81 26.10 20.48
N SER B 255 -14.65 27.12 20.41
CA SER B 255 -14.31 28.44 20.94
C SER B 255 -13.73 28.35 22.34
N LYS B 256 -14.53 27.82 23.27
CA LYS B 256 -14.08 27.65 24.63
C LYS B 256 -12.67 27.10 24.62
N PHE B 257 -12.51 25.92 24.01
CA PHE B 257 -11.22 25.27 23.88
C PHE B 257 -10.17 26.25 23.40
N ILE B 258 -10.43 26.87 22.25
CA ILE B 258 -9.50 27.84 21.69
C ILE B 258 -9.12 28.95 22.68
N GLU B 259 -10.08 29.40 23.48
CA GLU B 259 -9.77 30.46 24.42
C GLU B 259 -8.67 30.03 25.40
N ARG B 260 -8.62 28.75 25.75
CA ARG B 260 -7.52 28.24 26.58
C ARG B 260 -6.31 27.89 25.69
N TRP B 261 -6.59 27.59 24.43
CA TRP B 261 -5.53 27.22 23.50
C TRP B 261 -4.80 28.46 22.99
N SER B 262 -5.52 29.57 22.90
CA SER B 262 -4.91 30.83 22.54
C SER B 262 -4.10 31.36 23.73
N THR B 263 -4.36 30.81 24.91
CA THR B 263 -3.79 31.34 26.15
C THR B 263 -2.86 30.39 26.88
N LEU B 264 -2.12 29.57 26.12
CA LEU B 264 -1.20 28.61 26.74
C LEU B 264 0.26 28.99 26.50
N GLU B 265 1.13 28.58 27.41
CA GLU B 265 2.57 28.84 27.29
C GLU B 265 3.25 27.92 26.29
N GLU B 266 3.77 28.51 25.21
CA GLU B 266 4.34 27.77 24.09
C GLU B 266 5.62 26.99 24.41
N LYS B 267 6.15 27.16 25.63
CA LYS B 267 7.38 26.47 26.03
C LYS B 267 7.06 25.20 26.82
N GLU B 268 5.94 25.22 27.53
CA GLU B 268 5.50 24.06 28.27
C GLU B 268 4.72 23.16 27.33
N TYR B 269 4.20 23.76 26.26
CA TYR B 269 3.33 23.05 25.32
C TYR B 269 3.54 23.51 23.88
N PRO B 270 4.61 23.05 23.24
CA PRO B 270 4.95 23.48 21.88
C PRO B 270 3.72 23.50 20.96
N GLY B 271 3.57 24.58 20.20
CA GLY B 271 2.48 24.70 19.26
C GLY B 271 1.15 24.99 19.91
N ALA B 272 1.17 25.48 21.15
CA ALA B 272 -0.05 25.66 21.93
C ALA B 272 -0.43 27.12 22.19
N HIS B 273 -0.49 27.93 21.13
CA HIS B 273 -0.82 29.34 21.29
C HIS B 273 -1.15 29.98 19.96
N THR B 274 -2.29 29.61 19.40
CA THR B 274 -2.73 30.13 18.11
C THR B 274 -4.24 30.24 18.09
N ALA B 275 -4.77 30.97 17.12
CA ALA B 275 -6.21 31.16 17.01
C ALA B 275 -6.90 29.93 16.40
N THR B 276 -6.11 29.09 15.74
CA THR B 276 -6.61 27.86 15.13
C THR B 276 -5.73 26.66 15.45
N ILE B 277 -6.04 25.52 14.85
CA ILE B 277 -5.38 24.27 15.20
C ILE B 277 -5.60 23.15 14.17
N LYS B 278 -4.50 22.50 13.78
CA LYS B 278 -4.54 21.43 12.78
C LYS B 278 -5.50 20.31 13.16
N TYR B 279 -6.20 19.78 12.17
CA TYR B 279 -7.31 18.88 12.43
C TYR B 279 -6.88 17.60 13.13
N THR B 280 -5.65 17.16 12.86
CA THR B 280 -5.11 15.98 13.51
C THR B 280 -4.77 16.20 14.99
N SER B 281 -4.47 17.44 15.36
CA SER B 281 -4.25 17.73 16.77
C SER B 281 -5.61 17.72 17.47
N ALA B 282 -6.57 18.37 16.84
CA ALA B 282 -7.95 18.30 17.24
C ALA B 282 -8.42 16.84 17.38
N LEU B 283 -8.08 15.98 16.40
CA LEU B 283 -8.48 14.57 16.45
C LEU B 283 -7.78 13.89 17.61
N THR B 284 -6.55 14.33 17.86
CA THR B 284 -5.78 13.77 18.94
C THR B 284 -6.50 14.13 20.23
N TYR B 285 -6.82 15.40 20.36
CA TYR B 285 -7.54 15.88 21.53
C TYR B 285 -8.80 15.03 21.76
N ASP B 286 -9.63 14.92 20.74
CA ASP B 286 -10.86 14.14 20.86
C ASP B 286 -10.59 12.68 21.23
N ALA B 287 -9.45 12.16 20.83
CA ALA B 287 -9.12 10.78 21.16
C ALA B 287 -8.99 10.61 22.68
N VAL B 288 -8.36 11.57 23.35
CA VAL B 288 -8.24 11.50 24.80
C VAL B 288 -9.60 11.44 25.47
N GLN B 289 -10.52 12.27 25.00
CA GLN B 289 -11.86 12.22 25.52
C GLN B 289 -12.48 10.86 25.24
N VAL B 290 -12.32 10.38 24.01
CA VAL B 290 -12.95 9.12 23.65
C VAL B 290 -12.46 7.99 24.53
N MET B 291 -11.15 7.90 24.73
CA MET B 291 -10.56 6.83 25.52
C MET B 291 -11.03 6.90 26.96
N THR B 292 -11.32 8.12 27.40
CA THR B 292 -11.70 8.36 28.79
C THR B 292 -13.12 7.88 28.97
N GLU B 293 -14.03 8.44 28.18
CA GLU B 293 -15.43 8.03 28.25
C GLU B 293 -15.56 6.52 28.18
N ALA B 294 -14.62 5.85 27.53
CA ALA B 294 -14.72 4.41 27.37
C ALA B 294 -14.48 3.65 28.67
N PHE B 295 -13.40 3.97 29.37
CA PHE B 295 -13.08 3.28 30.61
C PHE B 295 -14.01 3.69 31.74
N ARG B 296 -14.37 4.96 31.76
CA ARG B 296 -15.39 5.44 32.70
C ARG B 296 -16.62 4.54 32.63
N ASN B 297 -16.97 4.10 31.43
CA ASN B 297 -18.16 3.27 31.24
C ASN B 297 -17.95 1.80 31.62
N LEU B 298 -16.73 1.29 31.45
CA LEU B 298 -16.43 -0.05 31.93
C LEU B 298 -16.54 -0.09 33.44
N ARG B 299 -15.79 0.77 34.11
CA ARG B 299 -15.84 0.87 35.58
C ARG B 299 -17.28 0.94 36.09
N LYS B 300 -18.06 1.84 35.51
CA LYS B 300 -19.46 2.02 35.87
C LYS B 300 -20.20 0.69 35.92
N GLN B 301 -20.16 -0.07 34.83
CA GLN B 301 -20.90 -1.33 34.72
C GLN B 301 -20.25 -2.47 35.52
N ARG B 302 -19.28 -2.13 36.34
CA ARG B 302 -18.65 -3.10 37.25
C ARG B 302 -17.88 -4.23 36.55
N ILE B 303 -17.30 -3.93 35.39
CA ILE B 303 -16.43 -4.89 34.72
C ILE B 303 -14.99 -4.67 35.18
N GLU B 304 -14.46 -5.62 35.93
CA GLU B 304 -13.14 -5.47 36.53
C GLU B 304 -12.03 -5.91 35.59
N ILE B 305 -11.40 -4.95 34.93
CA ILE B 305 -10.34 -5.24 33.97
C ILE B 305 -9.05 -5.63 34.70
N SER B 306 -8.41 -6.68 34.20
CA SER B 306 -7.14 -7.13 34.78
C SER B 306 -6.89 -8.61 34.51
N ARG B 308 -2.90 -6.86 36.29
CA ARG B 308 -3.19 -7.37 34.96
C ARG B 308 -2.20 -6.89 33.90
N GLY B 309 -0.91 -7.14 34.14
CA GLY B 309 0.15 -6.74 33.22
C GLY B 309 1.27 -7.76 33.10
N ASN B 310 2.44 -7.30 32.65
CA ASN B 310 3.64 -8.14 32.55
C ASN B 310 3.63 -9.16 31.41
N ALA B 311 2.70 -9.00 30.46
CA ALA B 311 2.68 -9.86 29.27
C ALA B 311 4.07 -9.85 28.66
N GLY B 312 4.56 -11.02 28.29
CA GLY B 312 5.97 -11.17 27.92
C GLY B 312 6.37 -10.59 26.58
N ASP B 313 6.82 -11.47 25.69
CA ASP B 313 7.30 -11.08 24.37
C ASP B 313 6.22 -11.28 23.33
N CYS B 314 5.86 -10.21 22.63
CA CYS B 314 4.76 -10.24 21.69
C CYS B 314 4.89 -11.38 20.71
N LEU B 315 6.11 -11.76 20.42
CA LEU B 315 6.36 -12.82 19.46
C LEU B 315 6.24 -14.21 20.06
N ALA B 316 6.44 -14.30 21.37
CA ALA B 316 6.49 -15.60 22.03
C ALA B 316 5.41 -15.84 23.10
N ASN B 317 4.68 -14.79 23.44
CA ASN B 317 3.61 -14.93 24.43
C ASN B 317 2.22 -14.84 23.83
N PRO B 318 1.19 -15.01 24.67
CA PRO B 318 -0.16 -15.00 24.08
C PRO B 318 -0.75 -13.61 24.10
N ALA B 319 -1.74 -13.40 23.25
CA ALA B 319 -2.43 -12.13 23.16
C ALA B 319 -3.25 -11.95 24.42
N VAL B 320 -3.61 -10.71 24.71
CA VAL B 320 -4.63 -10.46 25.71
C VAL B 320 -5.75 -11.37 25.33
N PRO B 321 -6.33 -12.09 26.29
CA PRO B 321 -7.39 -13.01 25.88
C PRO B 321 -8.49 -12.24 25.15
N TRP B 322 -9.12 -12.90 24.19
CA TRP B 322 -10.04 -12.21 23.30
C TRP B 322 -11.14 -11.52 24.09
N GLY B 323 -11.85 -12.29 24.92
CA GLY B 323 -12.98 -11.79 25.69
C GLY B 323 -12.73 -10.49 26.44
N GLN B 324 -11.47 -10.24 26.79
CA GLN B 324 -11.10 -9.01 27.48
C GLN B 324 -10.89 -7.86 26.49
N GLY B 325 -10.03 -8.09 25.49
CA GLY B 325 -9.85 -7.11 24.44
C GLY B 325 -11.16 -6.55 23.91
N VAL B 326 -12.04 -7.43 23.43
CA VAL B 326 -13.38 -7.04 22.99
C VAL B 326 -14.03 -6.02 23.91
N GLU B 327 -13.97 -6.32 25.20
CA GLU B 327 -14.62 -5.50 26.22
C GLU B 327 -14.28 -4.06 25.94
N ILE B 328 -12.99 -3.80 25.75
CA ILE B 328 -12.48 -2.44 25.62
C ILE B 328 -12.74 -1.81 24.24
N GLU B 329 -12.51 -2.59 23.18
CA GLU B 329 -12.76 -2.14 21.81
C GLU B 329 -14.23 -1.76 21.67
N ARG B 330 -15.07 -2.61 22.21
CA ARG B 330 -16.51 -2.39 22.19
C ARG B 330 -16.81 -1.09 22.93
N ALA B 331 -16.18 -0.90 24.08
CA ALA B 331 -16.37 0.32 24.87
C ALA B 331 -15.95 1.55 24.06
N LEU B 332 -14.83 1.43 23.34
CA LEU B 332 -14.40 2.55 22.53
C LEU B 332 -15.38 2.81 21.37
N LYS B 333 -15.88 1.75 20.76
CA LYS B 333 -16.79 1.92 19.63
C LYS B 333 -18.19 2.39 20.03
N GLN B 334 -18.62 2.03 21.23
CA GLN B 334 -19.93 2.48 21.73
C GLN B 334 -19.95 3.95 22.16
N VAL B 335 -18.78 4.57 22.24
CA VAL B 335 -18.72 5.97 22.68
C VAL B 335 -19.50 6.88 21.72
N GLN B 336 -20.17 7.88 22.28
CA GLN B 336 -20.98 8.82 21.51
C GLN B 336 -20.94 10.19 22.16
N VAL B 337 -19.87 10.93 21.94
CA VAL B 337 -19.65 12.21 22.58
C VAL B 337 -19.47 13.36 21.60
N GLU B 338 -19.73 14.57 22.07
CA GLU B 338 -19.54 15.77 21.29
C GLU B 338 -18.10 16.25 21.46
N GLY B 339 -17.47 16.72 20.39
CA GLY B 339 -16.05 17.03 20.41
C GLY B 339 -15.63 18.20 19.53
N LEU B 340 -14.32 18.35 19.32
CA LEU B 340 -13.81 19.40 18.47
C LEU B 340 -14.10 19.10 17.00
N SER B 341 -14.07 17.81 16.64
CA SER B 341 -14.33 17.43 15.26
C SER B 341 -15.82 17.30 15.00
N GLY B 342 -16.61 17.48 16.07
CA GLY B 342 -18.05 17.42 15.97
C GLY B 342 -18.63 16.21 16.69
N ASN B 343 -19.75 15.71 16.17
CA ASN B 343 -20.33 14.51 16.74
C ASN B 343 -19.47 13.30 16.44
N ILE B 344 -18.97 12.65 17.48
CA ILE B 344 -18.15 11.46 17.32
C ILE B 344 -18.89 10.18 17.66
N LYS B 345 -19.12 9.35 16.66
CA LYS B 345 -19.73 8.04 16.87
C LYS B 345 -19.10 7.05 15.92
N PHE B 346 -18.86 5.83 16.39
CA PHE B 346 -18.24 4.81 15.55
C PHE B 346 -19.17 3.68 15.21
N ASP B 347 -18.80 2.95 14.17
CA ASP B 347 -19.53 1.78 13.77
C ASP B 347 -18.77 0.54 14.26
N GLN B 348 -19.29 -0.64 13.94
CA GLN B 348 -18.73 -1.87 14.47
C GLN B 348 -17.25 -2.07 14.10
N ASN B 349 -16.78 -1.35 13.08
CA ASN B 349 -15.39 -1.48 12.66
C ASN B 349 -14.49 -0.37 13.21
N GLY B 350 -15.13 0.59 13.89
CA GLY B 350 -14.43 1.74 14.40
C GLY B 350 -14.26 2.82 13.35
N LYS B 351 -15.13 2.89 12.34
CA LYS B 351 -15.13 4.08 11.46
C LYS B 351 -16.03 5.10 12.11
N ARG B 352 -15.65 6.37 11.97
CA ARG B 352 -16.51 7.50 12.33
C ARG B 352 -17.81 7.46 11.50
N ILE B 353 -18.95 7.74 12.13
CA ILE B 353 -20.22 7.81 11.41
C ILE B 353 -21.09 8.94 11.97
N ASN B 354 -22.10 9.35 11.21
CA ASN B 354 -22.95 10.49 11.60
C ASN B 354 -22.13 11.73 11.86
N TYR B 355 -21.08 11.94 11.07
CA TYR B 355 -20.29 13.16 11.17
C TYR B 355 -20.67 14.08 10.02
N THR B 356 -20.13 15.30 10.03
CA THR B 356 -20.48 16.33 9.05
C THR B 356 -19.21 17.02 8.59
N ILE B 357 -19.06 17.27 7.30
CA ILE B 357 -17.87 18.00 6.83
C ILE B 357 -18.18 19.33 6.17
N ASN B 358 -17.64 20.39 6.72
CA ASN B 358 -17.88 21.71 6.16
C ASN B 358 -17.14 21.92 4.84
N ILE B 359 -17.86 22.46 3.85
CA ILE B 359 -17.30 22.74 2.55
C ILE B 359 -16.92 24.19 2.45
N MET B 360 -15.61 24.44 2.33
CA MET B 360 -15.12 25.81 2.29
C MET B 360 -14.90 26.24 0.86
N GLU B 361 -15.17 27.51 0.60
CA GLU B 361 -14.73 28.17 -0.62
C GLU B 361 -13.87 29.34 -0.18
N LEU B 362 -12.88 29.71 -0.99
CA LEU B 362 -12.06 30.87 -0.64
C LEU B 362 -12.75 32.14 -1.08
N LYS B 363 -12.63 33.19 -0.27
CA LYS B 363 -13.18 34.49 -0.63
C LYS B 363 -12.22 35.64 -0.32
N THR B 364 -12.59 36.85 -0.72
CA THR B 364 -11.77 38.02 -0.47
C THR B 364 -11.80 38.41 1.01
N ASN B 365 -12.97 38.31 1.62
CA ASN B 365 -13.12 38.51 3.06
C ASN B 365 -12.41 37.43 3.85
N GLY B 366 -12.05 36.35 3.13
CA GLY B 366 -11.46 35.17 3.75
C GLY B 366 -12.21 33.93 3.32
N PRO B 367 -11.91 32.78 3.96
CA PRO B 367 -12.63 31.53 3.67
C PRO B 367 -13.96 31.52 4.40
N ARG B 368 -14.97 30.88 3.80
CA ARG B 368 -16.28 30.82 4.41
C ARG B 368 -16.91 29.44 4.23
N LYS B 369 -17.60 28.97 5.27
CA LYS B 369 -18.40 27.77 5.18
C LYS B 369 -19.56 28.06 4.27
N ILE B 370 -19.63 27.34 3.16
CA ILE B 370 -20.69 27.53 2.19
C ILE B 370 -21.69 26.39 2.27
N GLY B 371 -21.26 25.27 2.84
CA GLY B 371 -22.09 24.09 2.92
C GLY B 371 -21.50 23.01 3.78
N TYR B 372 -22.25 21.93 3.93
CA TYR B 372 -21.80 20.79 4.72
C TYR B 372 -22.21 19.49 4.07
N TRP B 373 -21.39 18.48 4.25
CA TRP B 373 -21.66 17.17 3.72
C TRP B 373 -21.97 16.33 4.93
N SER B 374 -23.08 15.62 4.87
CA SER B 374 -23.45 14.79 5.99
C SER B 374 -23.18 13.34 5.69
N GLU B 375 -22.67 12.63 6.69
CA GLU B 375 -22.34 11.24 6.47
C GLU B 375 -23.66 10.49 6.37
N VAL B 376 -24.72 11.05 6.93
CA VAL B 376 -26.02 10.43 6.76
C VAL B 376 -26.57 10.56 5.32
N ASP B 377 -26.29 11.67 4.62
CA ASP B 377 -26.58 11.80 3.18
C ASP B 377 -25.41 12.35 2.26
N LYS B 378 -25.57 13.56 1.70
CA LYS B 378 -24.52 14.21 0.89
C LYS B 378 -24.50 15.79 1.01
N MET B 379 -23.96 16.52 0.02
CA MET B 379 -23.71 17.99 0.20
C MET B 379 -24.90 18.96 0.02
N VAL B 380 -24.91 20.04 0.80
CA VAL B 380 -26.06 20.96 0.86
C VAL B 380 -25.67 22.42 1.08
N VAL B 381 -26.27 23.32 0.30
CA VAL B 381 -25.92 24.75 0.32
C VAL B 381 -26.54 25.50 1.51
N THR B 382 -25.71 26.26 2.20
CA THR B 382 -26.13 26.96 3.42
C THR B 382 -26.80 28.31 3.16
#